data_6ZYV
#
_entry.id   6ZYV
#
_cell.length_a   60.170
_cell.length_b   63.608
_cell.length_c   199.360
_cell.angle_alpha   90.000
_cell.angle_beta   90.000
_cell.angle_gamma   90.000
#
_symmetry.space_group_name_H-M   'P 21 21 21'
#
loop_
_entity.id
_entity.type
_entity.pdbx_description
1 polymer 'CIR protein'
2 water water
#
_entity_poly.entity_id   1
_entity_poly.type   'polypeptide(L)'
_entity_poly.pdbx_seq_one_letter_code
;MENSADNLKYVCKDIKKIDDCLQIDTIYTGVCSDDTLYSDYCPMKNGKKGQCETNNDKISAGFIWLLVMFEHICDDDECS
QNEKDQYAGYAILWLSYILNQMPNEGIHTLKNFYTNHIETNTNYASHVSSASDSNYKGIVDKKIDLMNMNKAIIPKFYDI
FKSLCNMYNELDKNEANYANCLKDAQNFVDEYQKFLNDNNVDTDDSSYKQILPILSNGYDNLIKKCNNGQHSNFPPLPTT
KTTQLSAHISEDTSSSSSIASKLIPTLLIFAIPVFLGIAYKYSLFGFDKRFRRKYSREKLKNKE
;
_entity_poly.pdbx_strand_id   A,B,C
#
# COMPACT_ATOMS: atom_id res chain seq x y z
N ALA A 5 -22.95 -9.27 -7.76
CA ALA A 5 -23.37 -10.46 -8.49
C ALA A 5 -22.82 -11.76 -7.85
N ASP A 6 -23.35 -12.95 -8.27
CA ASP A 6 -22.91 -14.26 -7.78
C ASP A 6 -21.51 -14.65 -8.30
N ASN A 7 -20.71 -13.65 -8.75
CA ASN A 7 -19.36 -13.83 -9.31
C ASN A 7 -18.41 -14.56 -8.40
N LEU A 8 -18.59 -14.42 -7.06
CA LEU A 8 -17.69 -15.08 -6.11
C LEU A 8 -17.75 -16.59 -6.18
N LYS A 9 -18.85 -17.15 -6.65
CA LYS A 9 -19.01 -18.58 -6.88
C LYS A 9 -17.85 -19.10 -7.77
N TYR A 10 -17.49 -18.32 -8.80
CA TYR A 10 -16.43 -18.66 -9.74
C TYR A 10 -15.08 -18.14 -9.30
N VAL A 11 -15.00 -16.91 -8.77
CA VAL A 11 -13.74 -16.32 -8.30
C VAL A 11 -13.10 -17.19 -7.23
N CYS A 12 -13.91 -17.65 -6.24
CA CYS A 12 -13.44 -18.51 -5.14
C CYS A 12 -12.95 -19.87 -5.64
N LYS A 13 -13.63 -20.40 -6.65
CA LYS A 13 -13.27 -21.67 -7.28
C LYS A 13 -11.96 -21.52 -8.04
N ASP A 14 -11.81 -20.45 -8.84
CA ASP A 14 -10.61 -20.24 -9.63
C ASP A 14 -9.39 -19.98 -8.78
N ILE A 15 -9.52 -19.20 -7.70
CA ILE A 15 -8.39 -18.94 -6.81
C ILE A 15 -7.93 -20.24 -6.17
N LYS A 16 -8.87 -21.08 -5.68
CA LYS A 16 -8.48 -22.36 -5.11
C LYS A 16 -7.71 -23.25 -6.12
N LYS A 17 -8.20 -23.28 -7.37
CA LYS A 17 -7.58 -24.06 -8.44
C LYS A 17 -6.11 -23.60 -8.67
N ILE A 18 -5.87 -22.28 -8.83
CA ILE A 18 -4.51 -21.80 -9.04
C ILE A 18 -3.64 -21.97 -7.79
N ASP A 19 -4.20 -21.83 -6.58
CA ASP A 19 -3.45 -22.03 -5.35
C ASP A 19 -2.83 -23.44 -5.28
N ASP A 20 -3.65 -24.48 -5.48
CA ASP A 20 -3.16 -25.84 -5.42
C ASP A 20 -2.10 -26.13 -6.49
N CYS A 21 -2.13 -25.42 -7.61
CA CYS A 21 -1.21 -25.69 -8.71
C CYS A 21 -0.01 -24.81 -8.78
N LEU A 22 0.25 -23.93 -7.80
CA LEU A 22 1.36 -23.00 -7.92
C LEU A 22 2.77 -23.64 -8.00
N GLN A 23 2.91 -24.90 -7.55
CA GLN A 23 4.17 -25.66 -7.65
C GLN A 23 5.37 -25.02 -6.93
N ILE A 24 5.14 -23.99 -6.11
CA ILE A 24 6.21 -23.32 -5.39
C ILE A 24 6.42 -24.00 -4.04
N ASP A 25 7.63 -24.52 -3.84
CA ASP A 25 8.10 -25.22 -2.63
C ASP A 25 7.74 -24.51 -1.31
N THR A 26 8.02 -23.20 -1.23
CA THR A 26 7.78 -22.39 -0.03
C THR A 26 6.28 -22.15 0.24
N ILE A 27 5.45 -22.15 -0.80
CA ILE A 27 4.02 -21.96 -0.63
C ILE A 27 3.32 -23.29 -0.89
N TYR A 28 2.58 -23.79 0.10
CA TYR A 28 1.83 -25.02 -0.07
C TYR A 28 0.43 -24.91 0.47
N THR A 29 -0.55 -25.03 -0.41
CA THR A 29 -1.96 -25.06 -0.02
C THR A 29 -2.65 -26.38 -0.45
N GLY A 30 -2.01 -27.15 -1.34
CA GLY A 30 -2.56 -28.41 -1.83
C GLY A 30 -1.86 -29.00 -3.05
N VAL A 31 -2.41 -30.11 -3.57
CA VAL A 31 -1.88 -30.82 -4.74
C VAL A 31 -2.52 -30.32 -6.02
N CYS A 32 -1.70 -30.16 -7.06
CA CYS A 32 -2.15 -29.66 -8.35
C CYS A 32 -3.04 -30.65 -9.09
N SER A 33 -4.30 -30.26 -9.32
CA SER A 33 -5.28 -31.05 -10.05
C SER A 33 -4.97 -31.20 -11.56
N ASP A 34 -4.14 -30.31 -12.10
CA ASP A 34 -3.78 -30.37 -13.52
C ASP A 34 -2.41 -29.69 -13.70
N ASP A 35 -1.37 -30.47 -13.99
CA ASP A 35 -0.01 -29.96 -14.17
C ASP A 35 0.15 -29.00 -15.34
N THR A 36 -0.79 -28.99 -16.29
CA THR A 36 -0.69 -28.12 -17.45
C THR A 36 -1.62 -26.88 -17.36
N LEU A 37 -2.37 -26.71 -16.24
CA LEU A 37 -3.35 -25.64 -16.01
C LEU A 37 -2.98 -24.27 -16.56
N TYR A 38 -1.81 -23.74 -16.18
CA TYR A 38 -1.39 -22.41 -16.63
C TYR A 38 -0.25 -22.45 -17.62
N SER A 39 0.15 -23.63 -18.13
CA SER A 39 1.28 -23.78 -19.05
C SER A 39 1.20 -22.87 -20.28
N ASP A 40 -0.03 -22.65 -20.80
CA ASP A 40 -0.28 -21.75 -21.94
C ASP A 40 0.14 -20.31 -21.66
N TYR A 41 0.24 -19.92 -20.37
CA TYR A 41 0.56 -18.56 -19.95
C TYR A 41 1.96 -18.39 -19.35
N CYS A 42 2.81 -19.41 -19.45
CA CYS A 42 4.19 -19.37 -18.97
C CYS A 42 5.01 -18.37 -19.80
N PRO A 43 5.89 -17.59 -19.17
CA PRO A 43 6.68 -16.62 -19.94
C PRO A 43 7.63 -17.31 -20.91
N MET A 44 7.95 -16.62 -22.00
CA MET A 44 8.93 -17.11 -22.95
C MET A 44 10.32 -17.15 -22.31
N LYS A 45 11.12 -18.15 -22.67
CA LYS A 45 12.48 -18.29 -22.17
C LYS A 45 13.40 -18.38 -23.38
N ASN A 46 14.24 -17.36 -23.58
CA ASN A 46 15.19 -17.26 -24.70
C ASN A 46 14.47 -17.37 -26.05
N GLY A 47 13.37 -16.62 -26.20
CA GLY A 47 12.57 -16.61 -27.42
C GLY A 47 11.79 -17.89 -27.70
N LYS A 48 11.98 -18.92 -26.89
CA LYS A 48 11.29 -20.19 -27.04
C LYS A 48 10.09 -20.29 -26.09
N LYS A 49 9.15 -21.22 -26.39
CA LYS A 49 7.95 -21.45 -25.57
C LYS A 49 8.33 -21.74 -24.12
N GLY A 50 7.64 -21.09 -23.19
CA GLY A 50 7.92 -21.24 -21.77
C GLY A 50 7.41 -22.50 -21.11
N GLN A 51 8.17 -22.98 -20.13
CA GLN A 51 7.83 -24.16 -19.33
C GLN A 51 7.58 -23.82 -17.84
N CYS A 52 7.90 -22.59 -17.40
CA CYS A 52 7.77 -22.06 -16.04
C CYS A 52 8.86 -22.61 -15.14
N GLU A 53 10.11 -22.21 -15.39
CA GLU A 53 11.27 -22.71 -14.63
C GLU A 53 11.33 -22.13 -13.22
N THR A 54 11.18 -20.80 -13.09
CA THR A 54 11.25 -20.14 -11.79
C THR A 54 9.87 -20.00 -11.12
N ASN A 55 9.89 -19.71 -9.81
CA ASN A 55 8.71 -19.45 -8.98
C ASN A 55 7.99 -18.19 -9.47
N ASN A 56 8.74 -17.17 -9.90
CA ASN A 56 8.19 -15.95 -10.42
C ASN A 56 7.44 -16.20 -11.72
N ASP A 57 7.95 -17.13 -12.56
CA ASP A 57 7.33 -17.52 -13.83
C ASP A 57 5.99 -18.19 -13.54
N LYS A 58 5.93 -19.07 -12.54
CA LYS A 58 4.71 -19.79 -12.17
C LYS A 58 3.65 -18.83 -11.62
N ILE A 59 4.07 -17.86 -10.77
CA ILE A 59 3.16 -16.86 -10.19
C ILE A 59 2.61 -15.98 -11.30
N SER A 60 3.48 -15.55 -12.22
CA SER A 60 3.11 -14.71 -13.34
C SER A 60 2.07 -15.43 -14.22
N ALA A 61 2.34 -16.71 -14.57
CA ALA A 61 1.44 -17.50 -15.39
C ALA A 61 0.11 -17.78 -14.68
N GLY A 62 0.17 -18.01 -13.37
CA GLY A 62 -1.00 -18.25 -12.53
C GLY A 62 -1.90 -17.02 -12.40
N PHE A 63 -1.28 -15.85 -12.36
CA PHE A 63 -1.98 -14.58 -12.27
C PHE A 63 -2.72 -14.29 -13.59
N ILE A 64 -2.06 -14.53 -14.72
CA ILE A 64 -2.66 -14.33 -16.05
C ILE A 64 -3.78 -15.34 -16.26
N TRP A 65 -3.59 -16.59 -15.84
CA TRP A 65 -4.65 -17.59 -15.90
C TRP A 65 -5.90 -17.11 -15.11
N LEU A 66 -5.71 -16.52 -13.90
CA LEU A 66 -6.79 -15.97 -13.09
C LEU A 66 -7.54 -14.91 -13.81
N LEU A 67 -6.85 -13.89 -14.35
CA LEU A 67 -7.47 -12.81 -15.09
C LEU A 67 -8.24 -13.31 -16.28
N VAL A 68 -7.68 -14.29 -17.02
CA VAL A 68 -8.36 -14.87 -18.17
C VAL A 68 -9.67 -15.56 -17.71
N MET A 69 -9.62 -16.35 -16.64
CA MET A 69 -10.79 -17.02 -16.11
C MET A 69 -11.83 -16.06 -15.59
N PHE A 70 -11.43 -14.99 -14.89
CA PHE A 70 -12.37 -14.01 -14.35
C PHE A 70 -13.10 -13.30 -15.49
N GLU A 71 -12.40 -12.96 -16.59
CA GLU A 71 -13.04 -12.31 -17.73
C GLU A 71 -14.14 -13.23 -18.34
N HIS A 72 -13.99 -14.56 -18.24
CA HIS A 72 -15.00 -15.51 -18.74
C HIS A 72 -16.34 -15.38 -18.02
N ILE A 73 -16.33 -14.82 -16.79
CA ILE A 73 -17.55 -14.61 -16.01
C ILE A 73 -18.44 -13.56 -16.72
N CYS A 74 -17.84 -12.59 -17.40
CA CYS A 74 -18.57 -11.60 -18.18
C CYS A 74 -19.24 -12.25 -19.39
N ASP A 75 -20.38 -11.71 -19.83
CA ASP A 75 -21.03 -12.23 -21.03
C ASP A 75 -20.17 -11.93 -22.24
N ASP A 76 -19.96 -12.98 -23.09
CA ASP A 76 -19.11 -12.96 -24.27
C ASP A 76 -17.69 -12.50 -23.98
N ASP A 77 -17.20 -12.69 -22.74
CA ASP A 77 -15.89 -12.20 -22.29
C ASP A 77 -15.76 -10.66 -22.42
N GLU A 78 -16.88 -9.95 -22.53
CA GLU A 78 -16.90 -8.50 -22.70
C GLU A 78 -17.26 -7.83 -21.40
N CYS A 79 -16.25 -7.51 -20.62
CA CYS A 79 -16.43 -6.93 -19.31
C CYS A 79 -16.70 -5.44 -19.35
N SER A 80 -17.60 -4.96 -18.49
CA SER A 80 -17.83 -3.54 -18.31
C SER A 80 -16.64 -2.94 -17.52
N GLN A 81 -16.58 -1.60 -17.40
CA GLN A 81 -15.53 -0.95 -16.60
C GLN A 81 -15.57 -1.42 -15.14
N ASN A 82 -16.77 -1.56 -14.59
CA ASN A 82 -17.00 -2.03 -13.23
C ASN A 82 -16.53 -3.48 -13.03
N GLU A 83 -16.76 -4.36 -14.04
CA GLU A 83 -16.33 -5.75 -13.98
C GLU A 83 -14.83 -5.82 -14.08
N LYS A 84 -14.21 -5.11 -15.02
CA LYS A 84 -12.75 -5.10 -15.17
C LYS A 84 -12.06 -4.67 -13.85
N ASP A 85 -12.62 -3.62 -13.21
CA ASP A 85 -12.10 -3.08 -11.96
C ASP A 85 -12.24 -4.11 -10.82
N GLN A 86 -13.41 -4.73 -10.70
CA GLN A 86 -13.66 -5.74 -9.69
C GLN A 86 -12.72 -6.95 -9.87
N TYR A 87 -12.54 -7.46 -11.09
CA TYR A 87 -11.72 -8.62 -11.35
C TYR A 87 -10.25 -8.34 -11.18
N ALA A 88 -9.81 -7.13 -11.57
CA ALA A 88 -8.41 -6.75 -11.35
C ALA A 88 -8.12 -6.70 -9.84
N GLY A 89 -9.07 -6.21 -9.07
CA GLY A 89 -8.97 -6.14 -7.63
C GLY A 89 -8.86 -7.49 -6.97
N TYR A 90 -9.64 -8.50 -7.42
CA TYR A 90 -9.56 -9.86 -6.86
C TYR A 90 -8.23 -10.49 -7.15
N ALA A 91 -7.75 -10.38 -8.40
CA ALA A 91 -6.49 -10.96 -8.85
C ALA A 91 -5.31 -10.32 -8.17
N ILE A 92 -5.33 -8.99 -8.00
CA ILE A 92 -4.25 -8.26 -7.33
C ILE A 92 -4.26 -8.48 -5.81
N LEU A 93 -5.42 -8.79 -5.23
CA LEU A 93 -5.53 -9.16 -3.82
C LEU A 93 -4.87 -10.53 -3.64
N TRP A 94 -5.13 -11.49 -4.57
CA TRP A 94 -4.52 -12.81 -4.53
C TRP A 94 -3.00 -12.67 -4.71
N LEU A 95 -2.56 -11.82 -5.64
CA LEU A 95 -1.17 -11.58 -5.91
C LEU A 95 -0.46 -11.03 -4.67
N SER A 96 -1.12 -10.12 -3.93
CA SER A 96 -0.58 -9.55 -2.68
C SER A 96 -0.39 -10.63 -1.64
N TYR A 97 -1.37 -11.53 -1.53
CA TYR A 97 -1.32 -12.66 -0.62
C TYR A 97 -0.11 -13.55 -0.97
N ILE A 98 0.08 -13.90 -2.26
CA ILE A 98 1.19 -14.74 -2.70
C ILE A 98 2.54 -14.10 -2.40
N LEU A 99 2.70 -12.83 -2.74
CA LEU A 99 3.94 -12.12 -2.49
C LEU A 99 4.21 -12.01 -0.99
N ASN A 100 3.17 -11.82 -0.17
CA ASN A 100 3.33 -11.78 1.28
C ASN A 100 3.80 -13.17 1.79
N GLN A 101 3.33 -14.26 1.19
CA GLN A 101 3.75 -15.62 1.58
C GLN A 101 5.21 -15.88 1.20
N MET A 102 5.61 -15.51 -0.02
CA MET A 102 6.97 -15.70 -0.52
C MET A 102 7.97 -15.00 0.36
N PRO A 103 9.06 -15.67 0.71
CA PRO A 103 10.12 -14.97 1.46
C PRO A 103 10.83 -14.04 0.46
N ASN A 104 11.30 -12.87 0.93
CA ASN A 104 11.99 -11.94 0.03
C ASN A 104 11.10 -11.27 -1.04
N GLU A 105 9.80 -11.28 -0.82
CA GLU A 105 8.81 -10.59 -1.63
C GLU A 105 7.77 -10.06 -0.63
N GLY A 106 6.85 -9.23 -1.10
CA GLY A 106 5.77 -8.72 -0.26
C GLY A 106 4.96 -7.65 -0.96
N ILE A 107 4.04 -7.00 -0.23
CA ILE A 107 3.26 -5.92 -0.83
C ILE A 107 4.18 -4.77 -1.28
N HIS A 108 5.30 -4.56 -0.54
CA HIS A 108 6.34 -3.59 -0.85
C HIS A 108 7.07 -3.87 -2.18
N THR A 109 7.03 -5.12 -2.69
CA THR A 109 7.62 -5.48 -3.98
C THR A 109 6.57 -5.73 -5.06
N LEU A 110 5.25 -5.57 -4.77
CA LEU A 110 4.17 -5.82 -5.70
C LEU A 110 4.28 -5.00 -6.99
N LYS A 111 4.48 -3.65 -6.91
CA LYS A 111 4.59 -2.81 -8.10
C LYS A 111 5.74 -3.28 -9.00
N ASN A 112 6.89 -3.56 -8.38
CA ASN A 112 8.08 -4.06 -9.05
C ASN A 112 7.83 -5.44 -9.70
N PHE A 113 7.22 -6.38 -8.96
CA PHE A 113 6.88 -7.70 -9.49
C PHE A 113 5.93 -7.58 -10.69
N TYR A 114 4.92 -6.71 -10.64
CA TYR A 114 3.98 -6.55 -11.75
C TYR A 114 4.68 -6.10 -13.03
N THR A 115 5.50 -5.06 -12.93
CA THR A 115 6.22 -4.53 -14.09
C THR A 115 7.29 -5.50 -14.61
N ASN A 116 8.05 -6.13 -13.70
CA ASN A 116 9.14 -7.01 -14.11
C ASN A 116 8.77 -8.47 -14.38
N HIS A 117 7.60 -8.95 -13.95
CA HIS A 117 7.23 -10.35 -14.16
C HIS A 117 5.89 -10.57 -14.80
N ILE A 118 4.97 -9.61 -14.71
CA ILE A 118 3.65 -9.80 -15.31
C ILE A 118 3.57 -9.08 -16.64
N GLU A 119 3.91 -7.79 -16.67
CA GLU A 119 3.94 -7.04 -17.92
C GLU A 119 5.03 -7.59 -18.89
N THR A 120 6.00 -8.31 -18.33
CA THR A 120 7.14 -8.94 -18.97
C THR A 120 6.75 -10.29 -19.63
N ASN A 121 5.66 -10.93 -19.16
CA ASN A 121 5.16 -12.16 -19.73
C ASN A 121 4.42 -11.81 -21.04
N THR A 122 4.83 -12.45 -22.14
CA THR A 122 4.23 -12.18 -23.45
C THR A 122 2.72 -12.54 -23.53
N ASN A 123 2.28 -13.43 -22.66
CA ASN A 123 0.91 -13.90 -22.57
C ASN A 123 -0.07 -12.93 -21.91
N TYR A 124 0.46 -11.93 -21.21
CA TYR A 124 -0.33 -10.92 -20.56
C TYR A 124 -0.98 -9.99 -21.61
N ALA A 125 -0.18 -9.48 -22.56
CA ALA A 125 -0.72 -8.62 -23.61
C ALA A 125 -1.62 -9.38 -24.63
N SER A 126 -1.31 -10.65 -24.92
CA SER A 126 -2.10 -11.38 -25.92
C SER A 126 -3.35 -12.10 -25.39
N HIS A 127 -3.39 -12.49 -24.11
CA HIS A 127 -4.53 -13.23 -23.58
C HIS A 127 -5.42 -12.39 -22.66
N VAL A 128 -4.83 -11.41 -21.95
CA VAL A 128 -5.65 -10.52 -21.13
C VAL A 128 -6.11 -9.38 -22.05
N SER A 129 -7.39 -9.38 -22.44
CA SER A 129 -7.94 -8.42 -23.39
C SER A 129 -7.59 -6.96 -23.15
N SER A 130 -7.68 -6.53 -21.89
CA SER A 130 -7.48 -5.13 -21.55
C SER A 130 -6.02 -4.73 -21.25
N ALA A 131 -5.08 -5.67 -21.22
CA ALA A 131 -3.67 -5.42 -20.89
C ALA A 131 -3.03 -4.17 -21.49
N SER A 132 -3.28 -3.89 -22.77
CA SER A 132 -2.67 -2.75 -23.46
C SER A 132 -3.42 -1.42 -23.25
N ASP A 133 -4.69 -1.46 -22.79
CA ASP A 133 -5.50 -0.25 -22.56
C ASP A 133 -4.87 0.64 -21.50
N SER A 134 -4.81 1.98 -21.72
CA SER A 134 -4.29 2.87 -20.68
C SER A 134 -5.31 2.95 -19.52
N ASN A 135 -6.62 2.79 -19.82
CA ASN A 135 -7.65 2.77 -18.77
C ASN A 135 -7.44 1.57 -17.83
N TYR A 136 -6.99 0.44 -18.38
CA TYR A 136 -6.75 -0.77 -17.60
C TYR A 136 -5.52 -0.64 -16.73
N LYS A 137 -4.47 -0.02 -17.28
CA LYS A 137 -3.24 0.20 -16.52
C LYS A 137 -3.54 1.10 -15.27
N GLY A 138 -4.44 2.06 -15.42
CA GLY A 138 -4.86 2.93 -14.33
C GLY A 138 -5.58 2.15 -13.26
N ILE A 139 -6.43 1.20 -13.65
CA ILE A 139 -7.15 0.30 -12.74
C ILE A 139 -6.12 -0.54 -11.96
N VAL A 140 -5.17 -1.18 -12.67
CA VAL A 140 -4.14 -1.99 -12.06
C VAL A 140 -3.30 -1.19 -11.07
N ASP A 141 -2.86 0.02 -11.49
CA ASP A 141 -2.07 0.89 -10.64
C ASP A 141 -2.83 1.30 -9.37
N LYS A 142 -4.14 1.57 -9.47
CA LYS A 142 -4.95 1.95 -8.34
C LYS A 142 -5.06 0.78 -7.38
N LYS A 143 -5.27 -0.44 -7.90
CA LYS A 143 -5.37 -1.63 -7.07
C LYS A 143 -4.06 -1.91 -6.36
N ILE A 144 -2.90 -1.73 -7.03
CA ILE A 144 -1.58 -1.91 -6.42
C ILE A 144 -1.37 -0.87 -5.30
N ASP A 145 -1.76 0.37 -5.57
CA ASP A 145 -1.64 1.44 -4.59
C ASP A 145 -2.54 1.18 -3.38
N LEU A 146 -3.74 0.62 -3.60
CA LEU A 146 -4.65 0.25 -2.56
C LEU A 146 -4.05 -0.85 -1.69
N MET A 147 -3.37 -1.83 -2.29
CA MET A 147 -2.73 -2.90 -1.50
C MET A 147 -1.64 -2.34 -0.61
N ASN A 148 -0.88 -1.34 -1.10
CA ASN A 148 0.17 -0.67 -0.35
C ASN A 148 -0.39 0.22 0.74
N MET A 149 -1.50 0.91 0.47
CA MET A 149 -2.15 1.76 1.47
C MET A 149 -2.70 0.96 2.65
N ASN A 150 -3.07 -0.29 2.42
CA ASN A 150 -3.64 -1.19 3.42
C ASN A 150 -2.67 -2.33 3.75
N LYS A 151 -1.36 -2.24 3.38
CA LYS A 151 -0.39 -3.35 3.51
C LYS A 151 -0.39 -4.02 4.88
N ALA A 152 -0.54 -3.26 5.98
CA ALA A 152 -0.59 -3.83 7.31
C ALA A 152 -1.79 -4.77 7.56
N ILE A 153 -2.96 -4.53 6.92
CA ILE A 153 -4.11 -5.39 7.12
C ILE A 153 -4.38 -6.36 5.98
N ILE A 154 -3.79 -6.17 4.79
CA ILE A 154 -4.09 -7.05 3.64
C ILE A 154 -3.96 -8.57 3.96
N PRO A 155 -2.88 -9.12 4.57
CA PRO A 155 -2.86 -10.56 4.87
C PRO A 155 -4.03 -11.07 5.75
N LYS A 156 -4.40 -10.33 6.78
CA LYS A 156 -5.53 -10.68 7.66
C LYS A 156 -6.87 -10.47 6.94
N PHE A 157 -6.97 -9.46 6.09
CA PHE A 157 -8.18 -9.20 5.32
C PHE A 157 -8.43 -10.37 4.35
N TYR A 158 -7.35 -10.88 3.75
CA TYR A 158 -7.39 -12.03 2.84
C TYR A 158 -7.91 -13.29 3.55
N ASP A 159 -7.53 -13.50 4.82
CA ASP A 159 -8.06 -14.62 5.61
C ASP A 159 -9.58 -14.51 5.78
N ILE A 160 -10.12 -13.30 5.96
CA ILE A 160 -11.57 -13.08 6.02
C ILE A 160 -12.20 -13.43 4.66
N PHE A 161 -11.57 -13.00 3.57
CA PHE A 161 -12.03 -13.30 2.21
C PHE A 161 -12.07 -14.82 1.97
N LYS A 162 -11.05 -15.52 2.49
CA LYS A 162 -10.94 -16.98 2.39
C LYS A 162 -12.09 -17.64 3.14
N SER A 163 -12.45 -17.14 4.33
CA SER A 163 -13.59 -17.65 5.11
C SER A 163 -14.90 -17.45 4.35
N LEU A 164 -15.04 -16.33 3.63
CA LEU A 164 -16.20 -16.07 2.80
C LEU A 164 -16.23 -17.09 1.65
N CYS A 165 -15.06 -17.35 1.02
CA CYS A 165 -14.93 -18.32 -0.08
C CYS A 165 -15.28 -19.74 0.38
N ASN A 166 -15.00 -20.09 1.63
CA ASN A 166 -15.36 -21.41 2.16
C ASN A 166 -16.88 -21.58 2.20
N MET A 167 -17.62 -20.51 2.53
CA MET A 167 -19.08 -20.58 2.53
C MET A 167 -19.61 -20.74 1.09
N TYR A 168 -19.00 -20.04 0.12
CA TYR A 168 -19.37 -20.18 -1.29
C TYR A 168 -19.15 -21.62 -1.79
N ASN A 169 -18.06 -22.26 -1.35
CA ASN A 169 -17.73 -23.65 -1.71
C ASN A 169 -18.76 -24.59 -1.09
N GLU A 170 -19.18 -24.32 0.15
CA GLU A 170 -20.19 -25.13 0.82
C GLU A 170 -21.53 -25.02 0.08
N LEU A 171 -21.92 -23.81 -0.30
CA LEU A 171 -23.14 -23.59 -1.05
C LEU A 171 -23.09 -24.30 -2.41
N ASP A 172 -21.91 -24.33 -3.03
CA ASP A 172 -21.67 -24.95 -4.32
C ASP A 172 -21.85 -26.46 -4.27
N LYS A 173 -21.52 -27.10 -3.14
CA LYS A 173 -21.66 -28.55 -3.01
C LYS A 173 -23.01 -28.96 -2.42
N ASN A 174 -23.52 -28.23 -1.41
CA ASN A 174 -24.82 -28.56 -0.80
C ASN A 174 -26.01 -28.14 -1.68
N GLU A 175 -25.79 -27.13 -2.56
CA GLU A 175 -26.76 -26.59 -3.53
C GLU A 175 -27.97 -25.92 -2.79
N ALA A 176 -29.17 -26.53 -2.78
CA ALA A 176 -30.32 -25.95 -2.08
C ALA A 176 -30.47 -26.46 -0.62
N ASN A 177 -29.47 -27.19 -0.10
CA ASN A 177 -29.52 -27.68 1.27
C ASN A 177 -28.21 -27.37 2.00
N TYR A 178 -27.85 -26.08 2.03
CA TYR A 178 -26.70 -25.63 2.79
C TYR A 178 -27.30 -25.26 4.14
N ALA A 179 -27.52 -26.30 4.96
CA ALA A 179 -28.15 -26.23 6.27
C ALA A 179 -27.31 -25.45 7.28
N ASN A 180 -25.99 -25.45 7.13
CA ASN A 180 -25.11 -24.72 8.03
C ASN A 180 -24.88 -23.27 7.59
N CYS A 181 -25.60 -22.75 6.58
CA CYS A 181 -25.35 -21.39 6.11
C CYS A 181 -25.51 -20.35 7.19
N LEU A 182 -26.58 -20.42 7.97
CA LEU A 182 -26.80 -19.43 9.02
C LEU A 182 -25.72 -19.49 10.10
N LYS A 183 -25.38 -20.69 10.57
CA LYS A 183 -24.32 -20.89 11.56
C LYS A 183 -22.98 -20.36 11.02
N ASP A 184 -22.64 -20.66 9.76
CA ASP A 184 -21.40 -20.18 9.14
C ASP A 184 -21.37 -18.67 8.96
N ALA A 185 -22.50 -18.06 8.59
CA ALA A 185 -22.61 -16.62 8.40
C ALA A 185 -22.42 -15.91 9.74
N GLN A 186 -22.96 -16.47 10.84
CA GLN A 186 -22.78 -15.90 12.18
C GLN A 186 -21.32 -15.99 12.64
N ASN A 187 -20.64 -17.10 12.35
CA ASN A 187 -19.22 -17.24 12.66
C ASN A 187 -18.40 -16.25 11.81
N PHE A 188 -18.77 -16.07 10.54
CA PHE A 188 -18.12 -15.16 9.62
C PHE A 188 -18.21 -13.69 10.11
N VAL A 189 -19.42 -13.21 10.48
CA VAL A 189 -19.59 -11.84 10.94
C VAL A 189 -18.82 -11.61 12.27
N ASP A 190 -18.78 -12.63 13.15
CA ASP A 190 -18.02 -12.52 14.41
C ASP A 190 -16.51 -12.46 14.11
N GLU A 191 -16.04 -13.27 13.15
CA GLU A 191 -14.64 -13.31 12.75
C GLU A 191 -14.23 -11.97 12.11
N TYR A 192 -15.12 -11.38 11.31
CA TYR A 192 -14.88 -10.11 10.68
C TYR A 192 -14.91 -8.95 11.73
N GLN A 193 -15.84 -9.00 12.71
CA GLN A 193 -15.90 -8.01 13.77
C GLN A 193 -14.59 -8.04 14.59
N LYS A 194 -14.05 -9.25 14.85
CA LYS A 194 -12.81 -9.43 15.55
C LYS A 194 -11.64 -8.87 14.72
N PHE A 195 -11.68 -9.03 13.39
CA PHE A 195 -10.66 -8.48 12.50
C PHE A 195 -10.63 -6.91 12.61
N LEU A 196 -11.81 -6.27 12.64
CA LEU A 196 -11.90 -4.82 12.74
C LEU A 196 -11.36 -4.33 14.09
N ASN A 197 -11.73 -5.04 15.17
CA ASN A 197 -11.33 -4.73 16.55
C ASN A 197 -9.84 -4.99 16.78
N ASP A 198 -9.33 -6.15 16.44
CA ASP A 198 -7.92 -6.50 16.65
C ASP A 198 -6.98 -5.61 15.87
N ASN A 199 -7.36 -5.21 14.68
CA ASN A 199 -6.51 -4.38 13.85
C ASN A 199 -6.80 -2.90 13.88
N ASN A 200 -7.71 -2.44 14.78
CA ASN A 200 -8.07 -1.03 14.92
C ASN A 200 -8.48 -0.43 13.55
N VAL A 201 -9.31 -1.15 12.80
CA VAL A 201 -9.71 -0.71 11.50
C VAL A 201 -10.76 0.38 11.59
N ASP A 202 -10.46 1.50 10.93
CA ASP A 202 -11.39 2.60 10.79
C ASP A 202 -12.08 2.27 9.44
N THR A 203 -13.33 1.79 9.49
CA THR A 203 -14.07 1.43 8.28
C THR A 203 -14.42 2.64 7.39
N ASP A 204 -14.24 3.88 7.92
CA ASP A 204 -14.45 5.12 7.20
C ASP A 204 -13.16 5.65 6.50
N ASP A 205 -12.03 4.95 6.64
CA ASP A 205 -10.79 5.32 5.96
C ASP A 205 -10.97 5.11 4.44
N SER A 206 -10.54 6.08 3.61
CA SER A 206 -10.65 6.08 2.16
C SER A 206 -10.18 4.78 1.54
N SER A 207 -8.99 4.29 1.96
CA SER A 207 -8.37 3.08 1.44
C SER A 207 -9.11 1.85 1.84
N TYR A 208 -9.61 1.81 3.09
CA TYR A 208 -10.34 0.64 3.53
C TYR A 208 -11.67 0.53 2.76
N LYS A 209 -12.34 1.69 2.50
CA LYS A 209 -13.62 1.77 1.76
C LYS A 209 -13.55 1.18 0.36
N GLN A 210 -12.35 1.17 -0.25
CA GLN A 210 -12.18 0.62 -1.58
C GLN A 210 -11.91 -0.86 -1.60
N ILE A 211 -11.47 -1.47 -0.48
CA ILE A 211 -11.30 -2.95 -0.45
C ILE A 211 -12.53 -3.63 0.19
N LEU A 212 -13.21 -2.93 1.11
CA LEU A 212 -14.42 -3.40 1.76
C LEU A 212 -15.49 -4.01 0.77
N PRO A 213 -15.80 -3.42 -0.43
CA PRO A 213 -16.80 -4.05 -1.32
C PRO A 213 -16.60 -5.53 -1.65
N ILE A 214 -15.37 -6.04 -1.60
CA ILE A 214 -15.10 -7.46 -1.83
C ILE A 214 -15.91 -8.32 -0.80
N LEU A 215 -15.86 -7.90 0.48
CA LEU A 215 -16.56 -8.62 1.53
C LEU A 215 -18.02 -8.20 1.64
N SER A 216 -18.33 -6.89 1.54
CA SER A 216 -19.72 -6.47 1.70
C SER A 216 -20.60 -6.96 0.55
N ASN A 217 -20.13 -6.89 -0.71
CA ASN A 217 -20.92 -7.42 -1.82
C ASN A 217 -20.92 -8.95 -1.77
N GLY A 218 -19.77 -9.54 -1.47
CA GLY A 218 -19.65 -10.99 -1.39
C GLY A 218 -20.53 -11.65 -0.34
N TYR A 219 -20.58 -11.07 0.85
CA TYR A 219 -21.43 -11.55 1.94
C TYR A 219 -22.92 -11.34 1.61
N ASP A 220 -23.29 -10.16 1.08
CA ASP A 220 -24.66 -9.86 0.70
C ASP A 220 -25.16 -10.86 -0.35
N ASN A 221 -24.32 -11.18 -1.35
CA ASN A 221 -24.72 -12.13 -2.37
C ASN A 221 -24.85 -13.53 -1.77
N LEU A 222 -23.91 -13.91 -0.90
CA LEU A 222 -23.93 -15.24 -0.28
C LEU A 222 -25.26 -15.51 0.49
N ILE A 223 -25.67 -14.58 1.35
CA ILE A 223 -26.88 -14.77 2.15
C ILE A 223 -28.15 -14.71 1.29
N LYS A 224 -28.14 -13.92 0.20
CA LYS A 224 -29.26 -13.91 -0.73
C LYS A 224 -29.38 -15.30 -1.40
N LYS A 225 -28.24 -15.95 -1.74
CA LYS A 225 -28.24 -17.28 -2.38
C LYS A 225 -28.66 -18.36 -1.39
N CYS A 226 -28.24 -18.28 -0.12
CA CYS A 226 -28.68 -19.25 0.89
C CYS A 226 -30.17 -19.15 1.10
N ASN A 227 -30.71 -17.91 1.08
CA ASN A 227 -32.15 -17.72 1.22
C ASN A 227 -32.95 -18.03 -0.05
N ASN A 228 -32.35 -18.76 -1.00
CA ASN A 228 -33.04 -19.28 -2.17
C ASN A 228 -33.52 -20.74 -1.97
N GLY A 229 -32.93 -21.44 -1.01
CA GLY A 229 -33.34 -22.81 -0.70
C GLY A 229 -33.71 -23.00 0.76
N GLN A 230 -33.69 -21.93 1.56
CA GLN A 230 -34.07 -21.93 2.97
C GLN A 230 -34.71 -20.56 3.36
N HIS A 231 -35.07 -20.38 4.63
CA HIS A 231 -35.66 -19.14 5.08
C HIS A 231 -35.06 -18.73 6.40
N SER A 232 -33.98 -17.94 6.39
CA SER A 232 -33.30 -17.54 7.62
C SER A 232 -33.08 -16.05 7.75
N ASN A 233 -32.93 -15.59 8.99
CA ASN A 233 -32.64 -14.21 9.32
C ASN A 233 -31.13 -14.10 9.53
N PHE A 234 -30.41 -13.72 8.49
CA PHE A 234 -28.95 -13.62 8.54
C PHE A 234 -28.51 -12.35 9.22
N PRO A 235 -27.42 -12.40 10.01
CA PRO A 235 -26.94 -11.18 10.64
C PRO A 235 -26.35 -10.21 9.60
N PRO A 236 -26.43 -8.90 9.85
CA PRO A 236 -25.81 -7.94 8.92
C PRO A 236 -24.29 -7.91 9.10
N LEU A 237 -23.58 -7.51 8.05
CA LEU A 237 -22.13 -7.40 8.11
C LEU A 237 -21.76 -6.22 9.02
N PRO A 238 -20.85 -6.44 9.99
CA PRO A 238 -20.42 -5.34 10.88
C PRO A 238 -19.97 -4.06 10.14
N THR A 239 -20.32 -2.87 10.66
CA THR A 239 -20.01 -1.62 9.99
C THR A 239 -18.81 -0.87 10.56
N THR A 240 -18.43 -1.16 11.80
CA THR A 240 -17.35 -0.43 12.46
C THR A 240 -16.65 -1.29 13.51
N LYS A 241 -15.48 -0.83 13.99
CA LYS A 241 -14.83 -1.49 15.11
C LYS A 241 -15.70 -1.22 16.38
N THR A 242 -15.65 -2.14 17.33
CA THR A 242 -16.45 -2.20 18.54
C THR A 242 -15.53 -2.32 19.76
N SER B 4 -17.27 30.58 10.16
CA SER B 4 -17.27 29.99 11.51
C SER B 4 -17.17 28.48 11.40
N ALA B 5 -16.25 27.87 12.16
CA ALA B 5 -16.10 26.41 12.11
C ALA B 5 -17.30 25.64 12.68
N ASP B 6 -18.28 26.36 13.31
CA ASP B 6 -19.47 25.65 13.78
C ASP B 6 -20.31 25.14 12.62
N ASN B 7 -20.17 25.76 11.39
CA ASN B 7 -20.81 25.31 10.15
C ASN B 7 -20.43 23.86 9.78
N LEU B 8 -19.32 23.32 10.34
CA LEU B 8 -18.91 21.95 10.09
C LEU B 8 -19.95 20.95 10.57
N LYS B 9 -20.80 21.33 11.56
CA LYS B 9 -21.93 20.50 12.02
C LYS B 9 -22.83 20.09 10.84
N TYR B 10 -23.00 20.98 9.84
CA TYR B 10 -23.84 20.73 8.67
C TYR B 10 -23.06 20.19 7.49
N VAL B 11 -21.86 20.74 7.25
CA VAL B 11 -20.98 20.27 6.18
C VAL B 11 -20.68 18.79 6.33
N CYS B 12 -20.32 18.38 7.55
CA CYS B 12 -20.00 16.99 7.86
C CYS B 12 -21.20 16.06 7.72
N LYS B 13 -22.38 16.55 8.08
CA LYS B 13 -23.62 15.82 7.95
C LYS B 13 -23.95 15.61 6.46
N ASP B 14 -23.80 16.65 5.64
CA ASP B 14 -24.09 16.55 4.21
C ASP B 14 -23.13 15.65 3.46
N ILE B 15 -21.83 15.70 3.82
CA ILE B 15 -20.81 14.85 3.22
C ILE B 15 -21.13 13.38 3.53
N LYS B 16 -21.47 13.08 4.81
CA LYS B 16 -21.84 11.71 5.15
C LYS B 16 -23.06 11.22 4.34
N LYS B 17 -24.08 12.08 4.18
CA LYS B 17 -25.30 11.77 3.43
C LYS B 17 -24.99 11.41 1.97
N ILE B 18 -24.31 12.30 1.23
CA ILE B 18 -23.95 12.01 -0.14
C ILE B 18 -23.01 10.81 -0.23
N ASP B 19 -22.02 10.67 0.66
CA ASP B 19 -21.12 9.52 0.65
C ASP B 19 -21.90 8.19 0.77
N ASP B 20 -22.90 8.12 1.68
CA ASP B 20 -23.76 6.95 1.89
C ASP B 20 -24.72 6.68 0.74
N CYS B 21 -25.02 7.68 -0.07
CA CYS B 21 -26.00 7.60 -1.14
C CYS B 21 -25.42 7.76 -2.54
N LEU B 22 -24.09 7.82 -2.71
CA LEU B 22 -23.50 8.06 -4.01
C LEU B 22 -23.74 6.91 -5.01
N GLN B 23 -23.87 5.69 -4.50
CA GLN B 23 -24.17 4.51 -5.33
C GLN B 23 -23.08 4.11 -6.31
N ILE B 24 -21.85 4.63 -6.16
CA ILE B 24 -20.75 4.19 -7.03
C ILE B 24 -20.25 2.89 -6.46
N ASP B 25 -20.55 1.79 -7.16
CA ASP B 25 -20.28 0.41 -6.77
C ASP B 25 -18.88 0.14 -6.21
N THR B 26 -17.85 0.75 -6.82
CA THR B 26 -16.46 0.53 -6.44
C THR B 26 -16.11 1.15 -5.07
N ILE B 27 -16.95 2.03 -4.56
CA ILE B 27 -16.76 2.65 -3.26
C ILE B 27 -17.84 2.13 -2.31
N TYR B 28 -17.44 1.58 -1.16
CA TYR B 28 -18.39 1.03 -0.20
C TYR B 28 -19.33 2.12 0.27
N THR B 29 -20.58 2.08 -0.21
CA THR B 29 -21.58 3.07 0.14
C THR B 29 -22.40 2.48 1.29
N GLY B 30 -22.64 3.27 2.32
CA GLY B 30 -23.38 2.79 3.46
C GLY B 30 -24.87 2.68 3.20
N VAL B 31 -25.65 2.59 4.28
CA VAL B 31 -27.11 2.49 4.16
C VAL B 31 -27.72 3.80 3.70
N CYS B 32 -28.17 3.83 2.44
CA CYS B 32 -28.78 5.02 1.87
C CYS B 32 -30.27 5.07 2.15
N SER B 33 -30.71 6.06 2.93
CA SER B 33 -32.13 6.25 3.24
C SER B 33 -32.93 6.81 2.06
N ASP B 34 -32.26 7.32 1.02
CA ASP B 34 -32.94 7.87 -0.14
C ASP B 34 -32.10 7.68 -1.41
N ASP B 35 -32.49 6.72 -2.25
CA ASP B 35 -31.80 6.47 -3.51
C ASP B 35 -32.06 7.58 -4.56
N THR B 36 -33.03 8.47 -4.31
CA THR B 36 -33.42 9.56 -5.19
C THR B 36 -32.73 10.92 -4.83
N LEU B 37 -31.95 10.94 -3.73
CA LEU B 37 -31.26 12.08 -3.14
C LEU B 37 -30.78 13.13 -4.14
N TYR B 38 -29.98 12.74 -5.14
CA TYR B 38 -29.46 13.68 -6.10
C TYR B 38 -30.06 13.57 -7.50
N SER B 39 -31.09 12.73 -7.70
CA SER B 39 -31.69 12.50 -9.02
C SER B 39 -32.11 13.79 -9.73
N ASP B 40 -32.59 14.80 -8.97
CA ASP B 40 -32.97 16.12 -9.49
C ASP B 40 -31.81 16.86 -10.17
N TYR B 41 -30.57 16.49 -9.83
CA TYR B 41 -29.38 17.16 -10.34
C TYR B 41 -28.59 16.33 -11.38
N CYS B 42 -29.16 15.21 -11.85
CA CYS B 42 -28.54 14.36 -12.87
C CYS B 42 -28.45 15.11 -14.20
N PRO B 43 -27.35 14.93 -14.95
CA PRO B 43 -27.23 15.64 -16.24
C PRO B 43 -28.28 15.19 -17.25
N MET B 44 -28.68 16.09 -18.17
CA MET B 44 -29.68 15.74 -19.20
C MET B 44 -29.18 14.71 -20.21
N LYS B 49 -35.14 14.57 -16.76
CA LYS B 49 -34.63 13.82 -17.90
C LYS B 49 -33.41 12.95 -17.56
N GLY B 50 -32.69 13.33 -16.49
CA GLY B 50 -31.48 12.61 -16.08
C GLY B 50 -31.71 11.36 -15.25
N GLN B 51 -31.07 10.26 -15.66
CA GLN B 51 -31.14 9.00 -14.93
C GLN B 51 -29.79 8.62 -14.27
N CYS B 52 -28.73 9.44 -14.46
CA CYS B 52 -27.38 9.21 -13.95
C CYS B 52 -26.88 7.82 -14.33
N GLU B 53 -26.67 7.56 -15.63
CA GLU B 53 -26.19 6.24 -16.06
C GLU B 53 -24.72 5.99 -15.70
N THR B 54 -23.81 6.96 -15.93
CA THR B 54 -22.40 6.75 -15.62
C THR B 54 -22.00 7.26 -14.21
N ASN B 55 -20.81 6.84 -13.75
CA ASN B 55 -20.21 7.25 -12.50
C ASN B 55 -19.93 8.74 -12.51
N ASN B 56 -19.52 9.31 -13.66
CA ASN B 56 -19.28 10.75 -13.80
C ASN B 56 -20.57 11.54 -13.64
N ASP B 57 -21.70 11.00 -14.11
CA ASP B 57 -23.00 11.66 -13.97
C ASP B 57 -23.39 11.71 -12.51
N LYS B 58 -23.18 10.60 -11.78
CA LYS B 58 -23.52 10.50 -10.35
C LYS B 58 -22.64 11.46 -9.52
N ILE B 59 -21.35 11.56 -9.84
CA ILE B 59 -20.43 12.46 -9.15
C ILE B 59 -20.83 13.89 -9.41
N SER B 60 -21.16 14.22 -10.66
CA SER B 60 -21.58 15.56 -11.04
C SER B 60 -22.85 15.96 -10.27
N ALA B 61 -23.84 15.07 -10.23
CA ALA B 61 -25.11 15.32 -9.55
C ALA B 61 -24.92 15.43 -8.03
N GLY B 62 -24.03 14.59 -7.48
CA GLY B 62 -23.72 14.57 -6.07
C GLY B 62 -23.02 15.84 -5.62
N PHE B 63 -22.16 16.38 -6.50
CA PHE B 63 -21.40 17.60 -6.25
C PHE B 63 -22.35 18.78 -6.21
N ILE B 64 -23.31 18.86 -7.16
CA ILE B 64 -24.29 19.93 -7.22
C ILE B 64 -25.23 19.85 -6.02
N TRP B 65 -25.64 18.62 -5.63
CA TRP B 65 -26.46 18.43 -4.43
C TRP B 65 -25.74 19.01 -3.19
N LEU B 66 -24.43 18.69 -3.04
CA LEU B 66 -23.63 19.16 -1.95
C LEU B 66 -23.59 20.68 -1.89
N LEU B 67 -23.28 21.39 -3.02
CA LEU B 67 -23.26 22.85 -3.14
C LEU B 67 -24.59 23.45 -2.79
N VAL B 68 -25.70 22.85 -3.25
CA VAL B 68 -27.04 23.33 -2.94
C VAL B 68 -27.27 23.27 -1.42
N MET B 69 -26.90 22.15 -0.79
CA MET B 69 -27.05 22.00 0.65
C MET B 69 -26.19 22.99 1.46
N PHE B 70 -24.93 23.20 1.05
CA PHE B 70 -24.04 24.12 1.74
C PHE B 70 -24.55 25.53 1.69
N GLU B 71 -25.12 25.93 0.55
CA GLU B 71 -25.64 27.28 0.43
C GLU B 71 -26.87 27.53 1.36
N HIS B 72 -27.54 26.44 1.81
CA HIS B 72 -28.64 26.52 2.79
C HIS B 72 -28.12 26.96 4.17
N ILE B 73 -26.82 26.76 4.45
CA ILE B 73 -26.21 27.19 5.72
C ILE B 73 -26.18 28.72 5.83
N CYS B 74 -26.11 29.42 4.70
CA CYS B 74 -26.19 30.87 4.64
C CYS B 74 -27.59 31.33 4.98
N ASP B 75 -27.74 32.51 5.58
CA ASP B 75 -29.05 33.03 5.90
C ASP B 75 -29.78 33.36 4.60
N ASP B 76 -31.03 32.88 4.47
CA ASP B 76 -31.90 33.02 3.29
C ASP B 76 -31.26 32.52 2.01
N ASP B 77 -30.33 31.56 2.12
CA ASP B 77 -29.55 31.03 1.00
C ASP B 77 -28.72 32.13 0.29
N GLU B 78 -28.50 33.28 0.95
CA GLU B 78 -27.76 34.39 0.37
C GLU B 78 -26.37 34.43 0.96
N CYS B 79 -25.44 33.77 0.29
CA CYS B 79 -24.07 33.67 0.80
C CYS B 79 -23.21 34.90 0.53
N SER B 80 -22.39 35.28 1.52
CA SER B 80 -21.44 36.35 1.34
C SER B 80 -20.27 35.82 0.46
N GLN B 81 -19.33 36.69 0.06
CA GLN B 81 -18.16 36.27 -0.71
C GLN B 81 -17.33 35.25 0.07
N ASN B 82 -17.17 35.47 1.37
CA ASN B 82 -16.45 34.58 2.26
C ASN B 82 -17.13 33.20 2.40
N GLU B 83 -18.48 33.18 2.46
CA GLU B 83 -19.22 31.92 2.57
C GLU B 83 -19.15 31.17 1.26
N LYS B 84 -19.34 31.88 0.14
CA LYS B 84 -19.27 31.31 -1.22
C LYS B 84 -17.94 30.60 -1.43
N ASP B 85 -16.85 31.22 -0.94
CA ASP B 85 -15.49 30.74 -1.05
C ASP B 85 -15.28 29.51 -0.16
N GLN B 86 -15.73 29.59 1.09
CA GLN B 86 -15.60 28.47 2.02
C GLN B 86 -16.35 27.20 1.56
N TYR B 87 -17.59 27.37 1.05
CA TYR B 87 -18.39 26.24 0.61
C TYR B 87 -17.93 25.66 -0.69
N ALA B 88 -17.42 26.50 -1.60
CA ALA B 88 -16.83 25.98 -2.83
C ALA B 88 -15.59 25.13 -2.48
N GLY B 89 -14.82 25.58 -1.48
CA GLY B 89 -13.66 24.86 -0.99
C GLY B 89 -13.99 23.50 -0.41
N TYR B 90 -15.06 23.38 0.39
CA TYR B 90 -15.43 22.09 0.97
C TYR B 90 -15.93 21.12 -0.11
N ALA B 91 -16.74 21.61 -1.05
CA ALA B 91 -17.28 20.78 -2.14
C ALA B 91 -16.18 20.33 -3.09
N ILE B 92 -15.21 21.21 -3.39
CA ILE B 92 -14.07 20.88 -4.25
C ILE B 92 -13.07 19.96 -3.52
N LEU B 93 -13.00 20.02 -2.19
CA LEU B 93 -12.18 19.09 -1.40
C LEU B 93 -12.84 17.69 -1.50
N TRP B 94 -14.18 17.62 -1.39
CA TRP B 94 -14.89 16.36 -1.53
C TRP B 94 -14.72 15.81 -2.95
N LEU B 95 -14.83 16.67 -3.93
CA LEU B 95 -14.66 16.30 -5.33
C LEU B 95 -13.23 15.75 -5.59
N SER B 96 -12.19 16.34 -4.98
CA SER B 96 -10.79 15.89 -5.06
C SER B 96 -10.65 14.49 -4.48
N TYR B 97 -11.32 14.25 -3.35
CA TYR B 97 -11.34 12.94 -2.74
C TYR B 97 -11.96 11.89 -3.67
N ILE B 98 -13.12 12.20 -4.27
CA ILE B 98 -13.82 11.30 -5.17
C ILE B 98 -12.97 10.98 -6.40
N LEU B 99 -12.42 12.02 -7.03
CA LEU B 99 -11.59 11.83 -8.20
C LEU B 99 -10.35 11.04 -7.89
N ASN B 100 -9.76 11.25 -6.70
CA ASN B 100 -8.62 10.47 -6.27
C ASN B 100 -9.00 8.99 -6.10
N GLN B 101 -10.23 8.69 -5.62
CA GLN B 101 -10.70 7.32 -5.49
C GLN B 101 -10.81 6.64 -6.85
N MET B 102 -11.35 7.34 -7.86
CA MET B 102 -11.54 6.85 -9.23
C MET B 102 -10.21 6.49 -9.94
N PRO B 103 -10.14 5.28 -10.55
CA PRO B 103 -8.86 4.83 -11.15
C PRO B 103 -8.25 5.70 -12.26
N ASN B 104 -9.08 6.26 -13.16
CA ASN B 104 -8.51 7.07 -14.23
C ASN B 104 -8.79 8.56 -14.06
N GLU B 105 -8.93 9.00 -12.81
CA GLU B 105 -9.15 10.40 -12.45
C GLU B 105 -8.22 10.73 -11.26
N GLY B 106 -8.20 11.99 -10.90
CA GLY B 106 -7.43 12.46 -9.76
C GLY B 106 -7.48 13.97 -9.67
N ILE B 107 -6.70 14.55 -8.75
CA ILE B 107 -6.60 16.00 -8.63
C ILE B 107 -6.07 16.63 -9.94
N HIS B 108 -5.17 15.92 -10.64
CA HIS B 108 -4.62 16.32 -11.93
C HIS B 108 -5.69 16.42 -13.03
N THR B 109 -6.81 15.69 -12.90
CA THR B 109 -7.91 15.75 -13.87
C THR B 109 -9.12 16.57 -13.35
N LEU B 110 -8.97 17.25 -12.20
CA LEU B 110 -10.01 18.01 -11.53
C LEU B 110 -10.56 19.16 -12.39
N LYS B 111 -9.66 19.95 -12.97
CA LYS B 111 -10.05 21.08 -13.80
C LYS B 111 -10.83 20.59 -15.02
N ASN B 112 -10.33 19.53 -15.67
CA ASN B 112 -10.97 18.92 -16.82
C ASN B 112 -12.36 18.33 -16.46
N PHE B 113 -12.46 17.59 -15.34
CA PHE B 113 -13.73 17.02 -14.88
C PHE B 113 -14.76 18.14 -14.61
N TYR B 114 -14.34 19.23 -13.96
CA TYR B 114 -15.24 20.33 -13.65
C TYR B 114 -15.84 20.94 -14.91
N THR B 115 -15.00 21.26 -15.91
CA THR B 115 -15.47 21.85 -17.14
C THR B 115 -16.31 20.87 -17.97
N ASN B 116 -15.89 19.61 -18.07
CA ASN B 116 -16.58 18.64 -18.91
C ASN B 116 -17.75 17.89 -18.28
N HIS B 117 -17.89 17.90 -16.95
CA HIS B 117 -18.97 17.16 -16.29
C HIS B 117 -19.81 17.98 -15.33
N ILE B 118 -19.28 19.08 -14.79
CA ILE B 118 -20.04 19.89 -13.84
C ILE B 118 -20.65 21.10 -14.54
N GLU B 119 -19.82 21.86 -15.23
CA GLU B 119 -20.30 23.03 -15.98
C GLU B 119 -21.20 22.64 -17.15
N THR B 120 -21.06 21.41 -17.70
CA THR B 120 -21.94 20.95 -18.79
C THR B 120 -23.31 20.45 -18.27
N ASN B 121 -23.45 20.27 -16.95
CA ASN B 121 -24.71 19.85 -16.35
C ASN B 121 -25.52 21.13 -16.20
N THR B 122 -26.72 21.17 -16.78
CA THR B 122 -27.57 22.37 -16.70
C THR B 122 -28.08 22.62 -15.27
N ASN B 123 -28.17 21.58 -14.43
CA ASN B 123 -28.58 21.74 -13.03
C ASN B 123 -27.59 22.57 -12.21
N TYR B 124 -26.36 22.72 -12.69
CA TYR B 124 -25.34 23.50 -12.03
C TYR B 124 -25.68 25.01 -12.13
N ALA B 125 -25.98 25.50 -13.34
CA ALA B 125 -26.31 26.91 -13.53
C ALA B 125 -27.68 27.29 -12.95
N SER B 126 -28.65 26.39 -13.02
CA SER B 126 -29.99 26.68 -12.52
C SER B 126 -30.14 26.55 -10.99
N HIS B 127 -29.55 25.51 -10.35
CA HIS B 127 -29.77 25.29 -8.92
C HIS B 127 -28.68 25.87 -8.03
N VAL B 128 -27.42 25.96 -8.50
CA VAL B 128 -26.37 26.60 -7.70
C VAL B 128 -26.50 28.09 -8.01
N SER B 129 -27.03 28.90 -7.06
CA SER B 129 -27.29 30.33 -7.26
C SER B 129 -26.06 31.10 -7.77
N SER B 130 -24.93 30.87 -7.11
CA SER B 130 -23.68 31.47 -7.50
C SER B 130 -23.01 30.44 -8.40
N ALA B 131 -23.16 30.57 -9.73
CA ALA B 131 -22.54 29.65 -10.69
C ALA B 131 -22.27 30.43 -11.98
N SER B 132 -23.25 31.22 -12.44
CA SER B 132 -23.09 32.08 -13.61
C SER B 132 -22.24 33.35 -13.29
N ASP B 133 -22.03 33.66 -12.00
CA ASP B 133 -21.25 34.82 -11.54
C ASP B 133 -19.82 34.73 -12.05
N SER B 134 -19.29 35.86 -12.53
CA SER B 134 -17.92 35.96 -13.05
C SER B 134 -16.91 35.68 -11.94
N ASN B 135 -17.16 36.21 -10.73
CA ASN B 135 -16.25 35.97 -9.61
C ASN B 135 -16.35 34.56 -9.05
N TYR B 136 -17.48 33.85 -9.25
CA TYR B 136 -17.62 32.49 -8.75
C TYR B 136 -16.67 31.55 -9.47
N LYS B 137 -16.49 31.72 -10.79
CA LYS B 137 -15.56 30.91 -11.57
C LYS B 137 -14.12 31.09 -11.08
N GLY B 138 -13.79 32.32 -10.65
CA GLY B 138 -12.49 32.66 -10.06
C GLY B 138 -12.28 31.96 -8.74
N ILE B 139 -13.33 31.86 -7.92
CA ILE B 139 -13.30 31.16 -6.63
C ILE B 139 -13.05 29.66 -6.89
N VAL B 140 -13.80 29.08 -7.83
CA VAL B 140 -13.67 27.68 -8.21
C VAL B 140 -12.25 27.39 -8.71
N ASP B 141 -11.73 28.25 -9.59
CA ASP B 141 -10.37 28.08 -10.13
C ASP B 141 -9.30 28.16 -9.04
N LYS B 142 -9.47 29.07 -8.05
CA LYS B 142 -8.54 29.19 -6.94
C LYS B 142 -8.57 27.93 -6.10
N LYS B 143 -9.77 27.37 -5.85
CA LYS B 143 -9.90 26.14 -5.06
C LYS B 143 -9.28 24.94 -5.79
N ILE B 144 -9.46 24.86 -7.11
CA ILE B 144 -8.86 23.82 -7.93
C ILE B 144 -7.34 23.95 -7.89
N ASP B 145 -6.81 25.19 -8.00
CA ASP B 145 -5.38 25.44 -7.92
C ASP B 145 -4.81 25.07 -6.55
N LEU B 146 -5.57 25.33 -5.48
CA LEU B 146 -5.17 24.99 -4.13
C LEU B 146 -5.09 23.46 -3.95
N MET B 147 -6.02 22.72 -4.57
CA MET B 147 -6.00 21.26 -4.50
C MET B 147 -4.78 20.72 -5.24
N ASN B 148 -4.41 21.34 -6.38
CA ASN B 148 -3.25 20.96 -7.16
C ASN B 148 -1.94 21.33 -6.46
N MET B 149 -1.91 22.47 -5.76
CA MET B 149 -0.74 22.90 -5.00
C MET B 149 -0.43 21.95 -3.85
N ASN B 150 -1.47 21.28 -3.30
CA ASN B 150 -1.34 20.32 -2.19
C ASN B 150 -1.67 18.89 -2.63
N LYS B 151 -1.68 18.60 -3.97
CA LYS B 151 -2.14 17.30 -4.48
C LYS B 151 -1.54 16.10 -3.80
N ALA B 152 -0.24 16.13 -3.49
CA ALA B 152 0.41 15.00 -2.84
C ALA B 152 -0.17 14.68 -1.45
N ILE B 153 -0.64 15.68 -0.67
CA ILE B 153 -1.19 15.38 0.66
C ILE B 153 -2.72 15.41 0.72
N ILE B 154 -3.43 15.98 -0.27
CA ILE B 154 -4.89 16.08 -0.22
C ILE B 154 -5.61 14.75 0.15
N PRO B 155 -5.33 13.56 -0.45
CA PRO B 155 -6.04 12.34 -0.04
C PRO B 155 -5.90 11.98 1.44
N LYS B 156 -4.67 12.05 1.97
CA LYS B 156 -4.41 11.74 3.36
C LYS B 156 -4.96 12.83 4.27
N PHE B 157 -4.92 14.11 3.83
CA PHE B 157 -5.45 15.22 4.60
C PHE B 157 -6.98 15.06 4.73
N TYR B 158 -7.65 14.59 3.65
CA TYR B 158 -9.08 14.36 3.62
C TYR B 158 -9.45 13.30 4.65
N ASP B 159 -8.64 12.25 4.81
CA ASP B 159 -8.89 11.23 5.81
C ASP B 159 -8.91 11.84 7.22
N ILE B 160 -8.01 12.80 7.50
CA ILE B 160 -7.98 13.50 8.79
C ILE B 160 -9.25 14.33 8.95
N PHE B 161 -9.66 15.07 7.89
CA PHE B 161 -10.88 15.86 7.87
C PHE B 161 -12.11 14.98 8.14
N LYS B 162 -12.12 13.77 7.57
CA LYS B 162 -13.17 12.80 7.74
C LYS B 162 -13.27 12.36 9.18
N SER B 163 -12.14 12.09 9.83
CA SER B 163 -12.10 11.70 11.23
C SER B 163 -12.64 12.84 12.12
N LEU B 164 -12.36 14.10 11.74
CA LEU B 164 -12.89 15.26 12.44
C LEU B 164 -14.43 15.31 12.24
N CYS B 165 -14.90 15.04 11.02
CA CYS B 165 -16.33 14.99 10.70
C CYS B 165 -17.07 13.92 11.49
N ASN B 166 -16.43 12.79 11.75
CA ASN B 166 -17.05 11.73 12.54
C ASN B 166 -17.31 12.23 13.97
N MET B 167 -16.39 13.03 14.55
CA MET B 167 -16.60 13.57 15.89
C MET B 167 -17.77 14.59 15.88
N TYR B 168 -17.86 15.44 14.82
CA TYR B 168 -18.97 16.38 14.67
C TYR B 168 -20.30 15.64 14.60
N ASN B 169 -20.39 14.59 13.77
CA ASN B 169 -21.61 13.79 13.66
C ASN B 169 -21.96 13.09 14.97
N GLU B 170 -20.94 12.68 15.72
CA GLU B 170 -21.14 12.06 17.01
C GLU B 170 -21.71 13.08 18.00
N LEU B 171 -21.12 14.29 18.07
CA LEU B 171 -21.56 15.41 18.91
C LEU B 171 -23.00 15.84 18.58
N ASP B 172 -23.38 15.72 17.30
CA ASP B 172 -24.71 16.06 16.83
C ASP B 172 -25.74 15.08 17.38
N LYS B 173 -25.39 13.79 17.54
CA LYS B 173 -26.29 12.77 18.09
C LYS B 173 -26.63 13.03 19.56
N ASN B 174 -25.64 13.50 20.35
CA ASN B 174 -25.78 13.72 21.79
C ASN B 174 -25.14 15.06 22.22
N GLU B 175 -25.84 16.18 21.97
CA GLU B 175 -25.39 17.56 22.22
C GLU B 175 -24.56 17.79 23.50
N ALA B 176 -25.03 17.28 24.66
CA ALA B 176 -24.32 17.44 25.94
C ALA B 176 -23.90 16.10 26.58
N ASN B 177 -23.96 14.99 25.83
CA ASN B 177 -23.60 13.67 26.33
C ASN B 177 -22.63 12.98 25.36
N TYR B 178 -21.64 13.73 24.81
CA TYR B 178 -20.64 13.12 23.93
C TYR B 178 -19.55 12.57 24.84
N ALA B 179 -19.84 11.42 25.49
CA ALA B 179 -18.97 10.74 26.46
C ALA B 179 -17.62 10.32 25.87
N ASN B 180 -17.60 9.95 24.59
CA ASN B 180 -16.36 9.54 23.94
C ASN B 180 -15.58 10.69 23.33
N CYS B 181 -15.96 11.97 23.60
CA CYS B 181 -15.28 13.10 22.96
C CYS B 181 -13.80 13.14 23.25
N LEU B 182 -13.39 12.94 24.50
CA LEU B 182 -11.98 12.98 24.85
C LEU B 182 -11.20 11.86 24.19
N LYS B 183 -11.71 10.63 24.25
CA LYS B 183 -11.08 9.48 23.60
C LYS B 183 -10.93 9.72 22.09
N ASP B 184 -12.00 10.22 21.44
CA ASP B 184 -11.95 10.49 20.01
C ASP B 184 -10.98 11.61 19.63
N ALA B 185 -10.90 12.67 20.45
CA ALA B 185 -10.00 13.78 20.24
C ALA B 185 -8.54 13.33 20.37
N GLN B 186 -8.25 12.43 21.33
CA GLN B 186 -6.90 11.88 21.52
C GLN B 186 -6.50 11.03 20.32
N ASN B 187 -7.43 10.20 19.80
CA ASN B 187 -7.13 9.39 18.61
C ASN B 187 -6.92 10.31 17.41
N PHE B 188 -7.71 11.37 17.30
CA PHE B 188 -7.64 12.34 16.22
C PHE B 188 -6.26 13.06 16.19
N VAL B 189 -5.80 13.59 17.33
CA VAL B 189 -4.52 14.29 17.39
C VAL B 189 -3.35 13.33 17.14
N ASP B 190 -3.45 12.07 17.56
CA ASP B 190 -2.41 11.07 17.28
C ASP B 190 -2.37 10.74 15.79
N GLU B 191 -3.55 10.59 15.18
CA GLU B 191 -3.67 10.29 13.77
C GLU B 191 -3.11 11.44 12.92
N TYR B 192 -3.38 12.68 13.33
CA TYR B 192 -2.91 13.86 12.62
C TYR B 192 -1.41 14.08 12.81
N GLN B 193 -0.89 13.77 14.02
CA GLN B 193 0.54 13.83 14.29
C GLN B 193 1.28 12.84 13.38
N LYS B 194 0.72 11.63 13.21
CA LYS B 194 1.29 10.62 12.34
C LYS B 194 1.25 11.07 10.88
N PHE B 195 0.16 11.74 10.47
CA PHE B 195 0.03 12.29 9.12
C PHE B 195 1.16 13.32 8.85
N LEU B 196 1.46 14.21 9.81
CA LEU B 196 2.48 15.24 9.66
C LEU B 196 3.87 14.61 9.55
N ASN B 197 4.14 13.60 10.39
CA ASN B 197 5.40 12.88 10.45
C ASN B 197 5.63 12.00 9.22
N ASP B 198 4.67 11.17 8.84
CA ASP B 198 4.80 10.27 7.69
C ASP B 198 4.95 11.03 6.38
N ASN B 199 4.28 12.16 6.23
CA ASN B 199 4.32 12.91 5.00
C ASN B 199 5.32 14.07 5.00
N ASN B 200 6.12 14.24 6.09
CA ASN B 200 7.08 15.34 6.22
C ASN B 200 6.40 16.70 5.97
N VAL B 201 5.25 16.91 6.60
CA VAL B 201 4.50 18.13 6.41
C VAL B 201 5.10 19.29 7.16
N ASP B 202 5.36 20.37 6.41
CA ASP B 202 5.81 21.65 6.91
C ASP B 202 4.48 22.41 7.11
N THR B 203 4.02 22.56 8.36
CA THR B 203 2.75 23.22 8.64
C THR B 203 2.76 24.73 8.33
N ASP B 204 3.93 25.33 8.12
CA ASP B 204 4.02 26.74 7.72
C ASP B 204 4.24 26.93 6.21
N ASP B 205 4.15 25.85 5.42
CA ASP B 205 4.24 25.87 3.97
C ASP B 205 3.08 26.75 3.45
N SER B 206 3.35 27.57 2.45
CA SER B 206 2.35 28.48 1.88
C SER B 206 1.09 27.78 1.34
N SER B 207 1.21 26.58 0.74
CA SER B 207 0.03 25.85 0.24
C SER B 207 -0.72 25.15 1.39
N TYR B 208 0.03 24.48 2.29
CA TYR B 208 -0.55 23.75 3.42
C TYR B 208 -1.30 24.69 4.36
N LYS B 209 -0.72 25.86 4.68
CA LYS B 209 -1.32 26.89 5.54
C LYS B 209 -2.75 27.25 5.09
N GLN B 210 -3.03 27.13 3.77
CA GLN B 210 -4.33 27.51 3.21
C GLN B 210 -5.42 26.48 3.40
N ILE B 211 -5.05 25.24 3.69
CA ILE B 211 -6.02 24.17 3.95
C ILE B 211 -6.06 23.84 5.46
N LEU B 212 -4.95 24.09 6.17
CA LEU B 212 -4.85 23.91 7.62
C LEU B 212 -6.05 24.50 8.44
N PRO B 213 -6.57 25.74 8.16
CA PRO B 213 -7.70 26.25 8.97
C PRO B 213 -8.91 25.35 9.10
N ILE B 214 -9.17 24.46 8.13
CA ILE B 214 -10.27 23.51 8.18
C ILE B 214 -10.11 22.65 9.46
N LEU B 215 -8.88 22.14 9.72
CA LEU B 215 -8.63 21.30 10.87
C LEU B 215 -8.40 22.10 12.13
N SER B 216 -7.62 23.20 12.07
CA SER B 216 -7.32 23.95 13.29
C SER B 216 -8.55 24.64 13.84
N ASN B 217 -9.36 25.27 12.99
CA ASN B 217 -10.59 25.90 13.47
C ASN B 217 -11.61 24.81 13.86
N GLY B 218 -11.73 23.77 13.01
CA GLY B 218 -12.68 22.69 13.22
C GLY B 218 -12.47 21.91 14.50
N TYR B 219 -11.23 21.56 14.81
CA TYR B 219 -10.88 20.87 16.03
C TYR B 219 -11.07 21.80 17.26
N ASP B 220 -10.62 23.04 17.18
CA ASP B 220 -10.76 24.00 18.27
C ASP B 220 -12.23 24.21 18.62
N ASN B 221 -13.08 24.35 17.60
CA ASN B 221 -14.50 24.55 17.86
C ASN B 221 -15.13 23.30 18.47
N LEU B 222 -14.76 22.14 18.00
CA LEU B 222 -15.29 20.88 18.48
C LEU B 222 -15.01 20.66 19.97
N ILE B 223 -13.76 20.82 20.41
CA ILE B 223 -13.42 20.61 21.83
C ILE B 223 -13.98 21.68 22.73
N LYS B 224 -14.17 22.92 22.22
CA LYS B 224 -14.83 23.99 22.99
C LYS B 224 -16.25 23.58 23.29
N LYS B 225 -16.94 23.00 22.30
CA LYS B 225 -18.30 22.50 22.37
C LYS B 225 -18.40 21.33 23.36
N CYS B 226 -17.49 20.33 23.29
CA CYS B 226 -17.52 19.22 24.24
C CYS B 226 -17.31 19.71 25.65
N ASN B 227 -16.42 20.69 25.84
CA ASN B 227 -16.16 21.24 27.17
C ASN B 227 -17.26 22.19 27.71
N ASN B 228 -18.42 22.22 27.05
CA ASN B 228 -19.60 22.91 27.56
C ASN B 228 -20.55 21.93 28.27
N GLY B 229 -20.31 20.63 28.13
CA GLY B 229 -21.09 19.57 28.76
C GLY B 229 -20.25 18.59 29.56
N GLN B 230 -18.93 18.82 29.66
CA GLN B 230 -18.00 18.00 30.43
C GLN B 230 -16.78 18.86 30.82
N HIS B 231 -15.81 18.32 31.56
CA HIS B 231 -14.64 19.09 31.98
C HIS B 231 -13.37 18.30 31.76
N SER B 232 -12.88 18.31 30.52
CA SER B 232 -11.73 17.51 30.12
C SER B 232 -10.53 18.27 29.60
N ASN B 233 -9.38 17.69 29.86
CA ASN B 233 -8.13 18.22 29.37
C ASN B 233 -7.97 17.67 27.95
N PHE B 234 -8.45 18.38 26.95
CA PHE B 234 -8.31 17.95 25.56
C PHE B 234 -6.92 18.26 25.09
N PRO B 235 -6.29 17.36 24.33
CA PRO B 235 -4.94 17.66 23.84
C PRO B 235 -5.00 18.76 22.79
N PRO B 236 -3.96 19.60 22.73
CA PRO B 236 -3.95 20.65 21.68
C PRO B 236 -3.61 20.03 20.33
N LEU B 237 -4.04 20.69 19.25
CA LEU B 237 -3.76 20.20 17.91
C LEU B 237 -2.27 20.30 17.64
N PRO B 238 -1.63 19.19 17.19
CA PRO B 238 -0.20 19.23 16.85
C PRO B 238 0.15 20.39 15.88
N THR B 239 1.17 21.17 16.19
CA THR B 239 1.50 22.33 15.33
C THR B 239 2.62 22.06 14.37
N THR B 240 3.38 20.97 14.56
CA THR B 240 4.52 20.68 13.72
C THR B 240 4.78 19.17 13.66
N LYS B 241 5.56 18.75 12.66
CA LYS B 241 6.00 17.37 12.59
C LYS B 241 7.00 17.12 13.77
N THR B 242 7.10 15.88 14.19
CA THR B 242 7.86 15.37 15.34
C THR B 242 8.79 14.21 14.88
N THR B 243 9.54 13.57 15.81
CA THR B 243 10.46 12.44 15.53
C THR B 243 11.60 12.84 14.59
N ASN C 7 19.00 -15.64 6.12
CA ASN C 7 19.58 -16.38 5.00
C ASN C 7 20.38 -15.42 4.13
N LEU C 8 21.65 -15.76 3.85
CA LEU C 8 22.48 -14.92 2.99
C LEU C 8 21.99 -14.97 1.54
N LYS C 9 21.33 -16.05 1.12
CA LYS C 9 20.80 -16.19 -0.24
C LYS C 9 19.86 -15.00 -0.60
N TYR C 10 19.02 -14.53 0.35
CA TYR C 10 18.14 -13.37 0.09
C TYR C 10 18.88 -12.05 0.23
N VAL C 11 19.75 -11.93 1.25
CA VAL C 11 20.57 -10.74 1.46
C VAL C 11 21.42 -10.43 0.22
N CYS C 12 22.09 -11.46 -0.34
CA CYS C 12 22.92 -11.36 -1.54
C CYS C 12 22.10 -10.93 -2.74
N LYS C 13 20.89 -11.46 -2.88
CA LYS C 13 19.98 -11.13 -3.95
C LYS C 13 19.55 -9.67 -3.83
N ASP C 14 19.16 -9.22 -2.64
CA ASP C 14 18.69 -7.84 -2.43
C ASP C 14 19.79 -6.81 -2.64
N ILE C 15 20.96 -7.07 -2.08
CA ILE C 15 22.10 -6.18 -2.24
C ILE C 15 22.49 -6.04 -3.74
N LYS C 16 22.47 -7.15 -4.54
CA LYS C 16 22.73 -7.09 -5.99
C LYS C 16 21.66 -6.29 -6.71
N LYS C 17 20.37 -6.46 -6.33
CA LYS C 17 19.24 -5.74 -6.93
C LYS C 17 19.41 -4.24 -6.74
N ILE C 18 19.65 -3.76 -5.50
CA ILE C 18 19.83 -2.33 -5.24
C ILE C 18 21.09 -1.78 -5.94
N ASP C 19 22.17 -2.58 -6.09
CA ASP C 19 23.39 -2.18 -6.80
C ASP C 19 23.14 -1.88 -8.27
N ASP C 20 22.53 -2.81 -9.00
CA ASP C 20 22.23 -2.61 -10.41
C ASP C 20 21.27 -1.44 -10.62
N CYS C 21 20.33 -1.23 -9.67
CA CYS C 21 19.35 -0.16 -9.72
C CYS C 21 20.07 1.19 -9.55
N LEU C 22 20.99 1.28 -8.59
CA LEU C 22 21.75 2.49 -8.31
C LEU C 22 23.03 2.71 -9.14
N GLN C 23 23.42 1.75 -10.01
CA GLN C 23 24.62 1.91 -10.81
C GLN C 23 24.52 3.07 -11.82
N ILE C 24 23.80 2.88 -12.96
CA ILE C 24 23.63 3.93 -13.96
C ILE C 24 22.14 4.20 -14.23
N THR C 36 12.01 2.16 -10.80
CA THR C 36 12.94 2.08 -9.66
C THR C 36 12.26 1.51 -8.42
N LEU C 37 12.86 0.44 -7.87
CA LEU C 37 12.34 -0.25 -6.69
C LEU C 37 12.43 0.55 -5.39
N TYR C 38 13.29 1.58 -5.35
CA TYR C 38 13.51 2.39 -4.17
C TYR C 38 12.77 3.73 -4.15
N SER C 39 12.11 4.13 -5.27
CA SER C 39 11.41 5.41 -5.43
C SER C 39 10.38 5.74 -4.32
N ASP C 40 9.69 4.73 -3.82
CA ASP C 40 8.72 4.88 -2.74
C ASP C 40 9.39 5.45 -1.46
N TYR C 41 10.67 5.17 -1.26
CA TYR C 41 11.45 5.54 -0.08
C TYR C 41 12.30 6.82 -0.25
N CYS C 42 12.09 7.56 -1.33
CA CYS C 42 12.78 8.82 -1.58
C CYS C 42 12.40 9.86 -0.53
N PRO C 43 13.36 10.70 -0.09
CA PRO C 43 13.03 11.75 0.90
C PRO C 43 11.95 12.68 0.35
N MET C 44 10.87 12.75 1.12
CA MET C 44 9.59 13.36 0.83
C MET C 44 9.46 14.78 1.34
N LYS C 45 8.62 15.59 0.69
CA LYS C 45 8.31 16.92 1.19
C LYS C 45 6.83 17.17 0.98
N ASN C 46 6.08 17.36 2.08
CA ASN C 46 4.64 17.55 2.05
C ASN C 46 3.90 16.46 1.24
N GLY C 47 4.24 15.21 1.55
CA GLY C 47 3.65 14.00 0.98
C GLY C 47 4.04 13.67 -0.44
N LYS C 48 4.98 14.41 -1.05
CA LYS C 48 5.39 14.16 -2.42
C LYS C 48 6.40 13.05 -2.54
N LYS C 49 5.92 11.87 -2.90
CA LYS C 49 6.74 10.67 -3.04
C LYS C 49 7.56 10.62 -4.35
N GLY C 50 8.60 9.80 -4.35
CA GLY C 50 9.46 9.54 -5.50
C GLY C 50 10.31 10.67 -6.01
N GLN C 51 10.68 11.63 -5.16
CA GLN C 51 11.52 12.75 -5.56
C GLN C 51 12.93 12.58 -5.01
N CYS C 52 13.76 11.83 -5.73
CA CYS C 52 15.17 11.59 -5.41
C CYS C 52 16.01 12.45 -6.33
N GLU C 53 16.12 13.74 -5.99
CA GLU C 53 16.87 14.74 -6.77
C GLU C 53 18.40 14.47 -6.80
N THR C 54 19.00 14.29 -5.64
CA THR C 54 20.43 14.07 -5.53
C THR C 54 20.80 12.57 -5.36
N ASN C 55 22.10 12.23 -5.48
CA ASN C 55 22.57 10.88 -5.27
C ASN C 55 22.50 10.50 -3.80
N ASN C 56 22.62 11.47 -2.87
CA ASN C 56 22.43 11.21 -1.44
C ASN C 56 21.00 10.75 -1.20
N ASP C 57 20.02 11.33 -1.91
CA ASP C 57 18.62 10.95 -1.78
C ASP C 57 18.43 9.52 -2.27
N LYS C 58 19.03 9.18 -3.42
CA LYS C 58 18.95 7.84 -4.01
C LYS C 58 19.59 6.78 -3.09
N ILE C 59 20.75 7.10 -2.49
CA ILE C 59 21.44 6.21 -1.58
C ILE C 59 20.59 6.02 -0.32
N SER C 60 20.04 7.11 0.22
CA SER C 60 19.18 7.05 1.39
C SER C 60 17.95 6.16 1.12
N ALA C 61 17.30 6.34 -0.02
CA ALA C 61 16.13 5.55 -0.40
C ALA C 61 16.50 4.07 -0.62
N GLY C 62 17.65 3.83 -1.22
CA GLY C 62 18.15 2.49 -1.48
C GLY C 62 18.49 1.74 -0.20
N PHE C 63 19.00 2.47 0.79
CA PHE C 63 19.33 1.90 2.09
C PHE C 63 18.07 1.48 2.83
N ILE C 64 17.04 2.33 2.82
CA ILE C 64 15.76 2.03 3.46
C ILE C 64 15.06 0.88 2.74
N TRP C 65 15.13 0.84 1.41
CA TRP C 65 14.61 -0.29 0.64
C TRP C 65 15.26 -1.61 1.09
N LEU C 66 16.60 -1.62 1.29
CA LEU C 66 17.33 -2.80 1.76
C LEU C 66 16.83 -3.26 3.11
N LEU C 67 16.76 -2.35 4.09
CA LEU C 67 16.27 -2.68 5.43
C LEU C 67 14.85 -3.21 5.39
N VAL C 68 13.97 -2.63 4.56
CA VAL C 68 12.60 -3.12 4.42
C VAL C 68 12.60 -4.54 3.86
N MET C 69 13.41 -4.80 2.83
CA MET C 69 13.54 -6.15 2.25
C MET C 69 14.10 -7.15 3.22
N PHE C 70 15.14 -6.79 3.99
CA PHE C 70 15.75 -7.71 4.96
C PHE C 70 14.73 -8.06 6.05
N GLU C 71 13.95 -7.07 6.49
CA GLU C 71 12.88 -7.20 7.49
C GLU C 71 11.75 -8.18 7.05
N HIS C 72 11.62 -8.41 5.74
CA HIS C 72 10.63 -9.35 5.23
C HIS C 72 11.20 -10.78 5.05
N ILE C 73 12.44 -11.06 5.57
CA ILE C 73 13.05 -12.39 5.63
C ILE C 73 12.64 -13.04 6.98
N CYS C 74 12.46 -12.25 8.05
CA CYS C 74 12.06 -12.76 9.35
C CYS C 74 10.66 -13.36 9.29
N ASP C 75 10.42 -14.43 10.07
CA ASP C 75 9.12 -15.07 10.12
C ASP C 75 8.12 -14.13 10.78
N CYS C 79 11.44 -9.63 13.59
CA CYS C 79 12.86 -9.97 13.72
C CYS C 79 13.32 -10.04 15.15
N SER C 80 14.17 -11.02 15.44
CA SER C 80 14.78 -11.14 16.76
C SER C 80 15.89 -10.08 16.88
N GLN C 81 16.48 -9.90 18.09
CA GLN C 81 17.59 -8.95 18.29
C GLN C 81 18.78 -9.34 17.40
N ASN C 82 19.05 -10.65 17.29
CA ASN C 82 20.12 -11.20 16.47
C ASN C 82 19.88 -10.91 14.97
N GLU C 83 18.63 -11.01 14.49
CA GLU C 83 18.29 -10.74 13.08
C GLU C 83 18.43 -9.26 12.80
N LYS C 84 17.86 -8.40 13.67
CA LYS C 84 17.98 -6.95 13.50
C LYS C 84 19.44 -6.47 13.47
N ASP C 85 20.31 -7.09 14.28
CA ASP C 85 21.74 -6.79 14.34
C ASP C 85 22.46 -7.26 13.05
N GLN C 86 22.18 -8.49 12.62
CA GLN C 86 22.79 -9.05 11.42
C GLN C 86 22.41 -8.24 10.17
N TYR C 87 21.12 -7.93 10.02
CA TYR C 87 20.61 -7.18 8.88
C TYR C 87 21.10 -5.75 8.87
N ALA C 88 21.19 -5.08 10.04
CA ALA C 88 21.73 -3.72 10.12
C ALA C 88 23.20 -3.74 9.66
N GLY C 89 23.95 -4.78 10.03
CA GLY C 89 25.34 -4.96 9.63
C GLY C 89 25.53 -5.08 8.13
N TYR C 90 24.67 -5.86 7.47
CA TYR C 90 24.73 -6.04 6.01
C TYR C 90 24.40 -4.75 5.28
N ALA C 91 23.33 -4.05 5.72
CA ALA C 91 22.89 -2.80 5.11
C ALA C 91 23.94 -1.70 5.31
N ILE C 92 24.56 -1.63 6.50
CA ILE C 92 25.59 -0.64 6.81
C ILE C 92 26.93 -0.98 6.10
N LEU C 93 27.19 -2.26 5.80
CA LEU C 93 28.35 -2.66 5.01
C LEU C 93 28.12 -2.15 3.57
N TRP C 94 26.90 -2.34 3.03
CA TRP C 94 26.57 -1.86 1.70
C TRP C 94 26.68 -0.34 1.67
N LEU C 95 26.16 0.35 2.70
CA LEU C 95 26.21 1.79 2.81
C LEU C 95 27.65 2.31 2.82
N SER C 96 28.56 1.62 3.51
CA SER C 96 29.99 1.96 3.53
C SER C 96 30.56 1.86 2.13
N TYR C 97 30.25 0.77 1.42
CA TYR C 97 30.67 0.54 0.04
C TYR C 97 30.16 1.69 -0.87
N ILE C 98 28.82 1.92 -0.87
CA ILE C 98 28.12 2.82 -1.78
C ILE C 98 28.54 4.29 -1.58
N LEU C 99 28.74 4.75 -0.33
CA LEU C 99 29.21 6.12 -0.11
C LEU C 99 30.63 6.36 -0.67
N ASN C 100 31.39 5.29 -0.91
CA ASN C 100 32.73 5.39 -1.47
C ASN C 100 32.74 5.09 -2.98
N GLN C 101 31.83 4.22 -3.45
CA GLN C 101 31.81 3.82 -4.85
C GLN C 101 30.96 4.71 -5.75
N MET C 102 29.81 5.14 -5.26
CA MET C 102 28.92 5.97 -6.04
C MET C 102 29.19 7.44 -5.77
N PRO C 103 29.41 8.27 -6.82
CA PRO C 103 29.63 9.71 -6.57
C PRO C 103 28.48 10.36 -5.80
N ASN C 104 28.78 11.18 -4.77
CA ASN C 104 27.73 11.78 -3.95
C ASN C 104 28.09 13.22 -3.46
N GLU C 105 27.08 13.95 -2.99
CA GLU C 105 27.21 15.35 -2.60
C GLU C 105 27.58 15.57 -1.15
N GLY C 106 28.88 15.53 -0.87
CA GLY C 106 29.39 15.77 0.46
C GLY C 106 30.57 14.90 0.81
N ILE C 107 31.35 15.33 1.80
CA ILE C 107 32.49 14.56 2.28
C ILE C 107 31.96 13.99 3.57
N HIS C 108 31.15 12.96 3.46
CA HIS C 108 30.46 12.41 4.61
C HIS C 108 31.23 11.43 5.45
N THR C 109 31.04 11.53 6.77
CA THR C 109 31.45 10.50 7.70
C THR C 109 30.24 9.51 7.64
N LEU C 110 30.48 8.21 7.87
CA LEU C 110 29.38 7.23 7.85
C LEU C 110 28.29 7.58 8.88
N LYS C 111 28.68 8.06 10.07
CA LYS C 111 27.72 8.47 11.10
C LYS C 111 26.98 9.74 10.66
N ASN C 112 27.71 10.72 10.08
CA ASN C 112 27.15 11.98 9.60
C ASN C 112 26.10 11.76 8.50
N PHE C 113 26.39 10.87 7.52
CA PHE C 113 25.44 10.56 6.44
C PHE C 113 24.18 9.93 7.00
N TYR C 114 24.31 9.04 7.98
CA TYR C 114 23.17 8.39 8.60
C TYR C 114 22.23 9.39 9.28
N THR C 115 22.77 10.28 10.11
CA THR C 115 21.96 11.26 10.82
C THR C 115 21.36 12.30 9.87
N ASN C 116 22.15 12.77 8.89
CA ASN C 116 21.69 13.84 8.01
C ASN C 116 20.91 13.41 6.77
N HIS C 117 20.98 12.13 6.37
CA HIS C 117 20.31 11.68 5.16
C HIS C 117 19.43 10.46 5.35
N ILE C 118 19.71 9.61 6.35
CA ILE C 118 18.87 8.45 6.60
C ILE C 118 17.78 8.81 7.63
N GLU C 119 18.18 9.23 8.84
CA GLU C 119 17.25 9.58 9.92
C GLU C 119 16.35 10.77 9.58
N THR C 120 16.80 11.66 8.68
CA THR C 120 15.97 12.79 8.24
C THR C 120 14.95 12.38 7.16
N ASN C 121 15.10 11.20 6.53
CA ASN C 121 14.17 10.71 5.52
C ASN C 121 13.00 10.13 6.31
N THR C 122 11.78 10.66 6.10
CA THR C 122 10.60 10.22 6.87
C THR C 122 10.22 8.79 6.56
N ASN C 123 10.59 8.25 5.37
CA ASN C 123 10.33 6.85 5.04
C ASN C 123 11.08 5.87 5.95
N TYR C 124 12.14 6.32 6.64
CA TYR C 124 12.92 5.52 7.55
C TYR C 124 12.10 5.18 8.81
N ALA C 125 11.48 6.19 9.43
CA ALA C 125 10.65 5.96 10.61
C ALA C 125 9.31 5.25 10.30
N SER C 126 8.71 5.53 9.12
CA SER C 126 7.42 4.92 8.79
C SER C 126 7.47 3.52 8.14
N HIS C 127 8.56 3.15 7.45
CA HIS C 127 8.62 1.84 6.81
C HIS C 127 9.56 0.87 7.51
N VAL C 128 10.64 1.37 8.15
CA VAL C 128 11.54 0.49 8.89
C VAL C 128 10.93 0.33 10.29
N SER C 129 10.36 -0.85 10.59
CA SER C 129 9.75 -1.15 11.90
C SER C 129 10.79 -1.02 13.03
N SER C 130 12.01 -1.50 12.76
CA SER C 130 13.15 -1.48 13.68
C SER C 130 13.59 -0.07 14.08
N ALA C 131 13.42 0.93 13.20
CA ALA C 131 13.84 2.31 13.46
C ALA C 131 13.19 2.96 14.70
N SER C 132 12.05 2.44 15.17
CA SER C 132 11.38 3.01 16.33
C SER C 132 11.82 2.39 17.67
N ASP C 133 13.02 1.78 17.71
CA ASP C 133 13.57 1.15 18.91
C ASP C 133 14.78 1.90 19.47
N SER C 134 14.79 2.00 20.82
CA SER C 134 15.82 2.62 21.65
C SER C 134 17.18 1.95 21.41
N ASN C 135 17.18 0.61 21.40
CA ASN C 135 18.39 -0.20 21.20
C ASN C 135 18.81 -0.35 19.74
N TYR C 136 17.89 -0.05 18.79
CA TYR C 136 18.26 -0.15 17.38
C TYR C 136 19.30 0.89 17.02
N LYS C 137 19.19 2.11 17.58
CA LYS C 137 20.18 3.18 17.35
C LYS C 137 21.58 2.74 17.83
N GLY C 138 21.63 1.98 18.93
CA GLY C 138 22.86 1.42 19.48
C GLY C 138 23.47 0.38 18.56
N ILE C 139 22.63 -0.45 17.94
CA ILE C 139 23.06 -1.47 16.98
C ILE C 139 23.68 -0.75 15.77
N VAL C 140 22.97 0.26 15.24
CA VAL C 140 23.42 1.04 14.09
C VAL C 140 24.77 1.72 14.40
N ASP C 141 24.89 2.34 15.57
CA ASP C 141 26.12 3.00 15.99
C ASP C 141 27.31 2.04 16.09
N LYS C 142 27.07 0.82 16.59
CA LYS C 142 28.11 -0.20 16.71
C LYS C 142 28.59 -0.62 15.31
N LYS C 143 27.63 -0.82 14.39
CA LYS C 143 27.95 -1.22 13.03
C LYS C 143 28.71 -0.11 12.30
N ILE C 144 28.32 1.15 12.52
CA ILE C 144 29.01 2.30 11.92
C ILE C 144 30.44 2.36 12.46
N ASP C 145 30.61 2.16 13.78
CA ASP C 145 31.92 2.19 14.39
C ASP C 145 32.82 1.09 13.79
N LEU C 146 32.26 -0.08 13.53
CA LEU C 146 32.97 -1.19 12.91
C LEU C 146 33.45 -0.86 11.48
N MET C 147 32.59 -0.21 10.68
CA MET C 147 32.97 0.18 9.34
C MET C 147 34.04 1.27 9.37
N ASN C 148 33.96 2.20 10.35
CA ASN C 148 34.97 3.24 10.50
C ASN C 148 36.30 2.67 10.96
N MET C 149 36.27 1.66 11.82
CA MET C 149 37.49 0.99 12.28
C MET C 149 38.22 0.29 11.11
N ASN C 150 37.48 -0.14 10.08
CA ASN C 150 37.99 -0.85 8.90
C ASN C 150 37.93 -0.04 7.59
N LYS C 151 37.68 1.29 7.70
CA LYS C 151 37.52 2.31 6.65
C LYS C 151 38.33 2.07 5.38
N ALA C 152 39.62 1.77 5.54
CA ALA C 152 40.56 1.58 4.44
C ALA C 152 40.42 0.28 3.66
N ILE C 153 39.93 -0.82 4.28
CA ILE C 153 39.83 -2.08 3.55
C ILE C 153 38.40 -2.41 3.09
N ILE C 154 37.37 -1.66 3.54
CA ILE C 154 35.95 -1.85 3.19
C ILE C 154 35.70 -2.09 1.67
N PRO C 155 36.17 -1.22 0.75
CA PRO C 155 35.89 -1.48 -0.68
C PRO C 155 36.40 -2.83 -1.20
N LYS C 156 37.63 -3.21 -0.85
CA LYS C 156 38.18 -4.48 -1.28
C LYS C 156 37.57 -5.66 -0.52
N PHE C 157 37.23 -5.46 0.76
CA PHE C 157 36.59 -6.50 1.57
C PHE C 157 35.21 -6.82 0.98
N TYR C 158 34.51 -5.77 0.53
CA TYR C 158 33.21 -5.89 -0.06
C TYR C 158 33.26 -6.68 -1.38
N ASP C 159 34.34 -6.55 -2.16
CA ASP C 159 34.52 -7.36 -3.37
C ASP C 159 34.62 -8.87 -3.00
N ILE C 160 35.25 -9.20 -1.87
CA ILE C 160 35.32 -10.58 -1.39
C ILE C 160 33.91 -11.04 -0.98
N PHE C 161 33.15 -10.18 -0.29
CA PHE C 161 31.77 -10.47 0.11
C PHE C 161 30.90 -10.74 -1.13
N LYS C 162 31.12 -9.95 -2.20
CA LYS C 162 30.43 -10.09 -3.47
C LYS C 162 30.72 -11.45 -4.10
N SER C 163 31.97 -11.90 -4.05
CA SER C 163 32.38 -13.21 -4.56
C SER C 163 31.74 -14.35 -3.75
N LEU C 164 31.55 -14.14 -2.45
CA LEU C 164 30.84 -15.12 -1.61
C LEU C 164 29.36 -15.14 -2.02
N CYS C 165 28.76 -13.96 -2.25
CA CYS C 165 27.37 -13.84 -2.72
C CYS C 165 27.15 -14.50 -4.07
N ASN C 166 28.20 -14.50 -4.92
CA ASN C 166 28.20 -15.13 -6.24
C ASN C 166 28.02 -16.62 -6.11
N MET C 167 28.61 -17.24 -5.08
CA MET C 167 28.45 -18.66 -4.83
C MET C 167 27.02 -18.98 -4.42
N TYR C 168 26.37 -18.12 -3.64
CA TYR C 168 24.98 -18.32 -3.24
C TYR C 168 24.01 -18.18 -4.43
N ASN C 169 24.28 -17.25 -5.37
CA ASN C 169 23.36 -17.02 -6.50
C ASN C 169 23.61 -17.93 -7.70
N GLU C 170 24.87 -18.29 -7.98
CA GLU C 170 25.16 -19.17 -9.13
C GLU C 170 24.58 -20.55 -8.82
N LEU C 171 24.84 -21.06 -7.61
CA LEU C 171 24.34 -22.36 -7.20
C LEU C 171 23.01 -22.24 -6.44
N ASP C 172 21.95 -21.83 -7.13
CA ASP C 172 20.62 -21.69 -6.54
C ASP C 172 19.58 -22.38 -7.41
N LYS C 173 19.13 -23.57 -6.98
CA LYS C 173 18.10 -24.44 -7.58
C LYS C 173 18.46 -25.04 -8.95
N ASN C 174 18.94 -24.22 -9.91
CA ASN C 174 19.29 -24.71 -11.24
C ASN C 174 20.58 -25.52 -11.17
N GLU C 175 21.57 -25.02 -10.42
CA GLU C 175 22.83 -25.75 -10.29
C GLU C 175 22.75 -26.78 -9.13
N ALA C 176 22.83 -26.31 -7.85
CA ALA C 176 22.76 -27.14 -6.64
C ALA C 176 23.70 -28.37 -6.66
N ASN C 177 24.87 -28.23 -7.31
CA ASN C 177 25.80 -29.36 -7.39
C ASN C 177 27.10 -29.11 -6.64
N TYR C 178 27.57 -30.15 -5.94
CA TYR C 178 28.78 -30.13 -5.14
C TYR C 178 30.07 -29.89 -5.96
N ALA C 179 30.23 -30.56 -7.12
CA ALA C 179 31.44 -30.39 -7.95
C ALA C 179 31.61 -28.95 -8.44
N ASN C 180 30.51 -28.25 -8.65
CA ASN C 180 30.54 -26.86 -9.09
C ASN C 180 30.77 -25.89 -7.90
N CYS C 181 30.42 -26.32 -6.67
CA CYS C 181 30.57 -25.58 -5.42
C CYS C 181 32.03 -25.57 -4.96
N LEU C 182 32.70 -26.73 -5.02
CA LEU C 182 34.08 -26.90 -4.59
C LEU C 182 35.04 -26.06 -5.42
N LYS C 183 34.84 -26.04 -6.74
CA LYS C 183 35.66 -25.26 -7.66
C LYS C 183 35.59 -23.76 -7.31
N ASP C 184 34.40 -23.26 -7.01
CA ASP C 184 34.19 -21.87 -6.65
C ASP C 184 34.74 -21.51 -5.27
N ALA C 185 34.65 -22.46 -4.30
CA ALA C 185 35.16 -22.26 -2.95
C ALA C 185 36.68 -22.15 -2.97
N GLN C 186 37.35 -22.94 -3.84
CA GLN C 186 38.81 -22.90 -3.98
C GLN C 186 39.26 -21.57 -4.58
N ASN C 187 38.52 -21.07 -5.57
CA ASN C 187 38.82 -19.75 -6.16
C ASN C 187 38.58 -18.65 -5.13
N PHE C 188 37.53 -18.79 -4.32
CA PHE C 188 37.18 -17.84 -3.29
C PHE C 188 38.29 -17.72 -2.22
N VAL C 189 38.75 -18.85 -1.67
CA VAL C 189 39.81 -18.85 -0.65
C VAL C 189 41.11 -18.28 -1.22
N ASP C 190 41.42 -18.53 -2.51
CA ASP C 190 42.63 -17.97 -3.12
C ASP C 190 42.49 -16.45 -3.30
N GLU C 191 41.31 -16.00 -3.70
CA GLU C 191 41.02 -14.58 -3.87
C GLU C 191 41.09 -13.84 -2.53
N TYR C 192 40.60 -14.48 -1.47
CA TYR C 192 40.63 -13.93 -0.13
C TYR C 192 42.08 -13.88 0.42
N GLN C 193 42.88 -14.94 0.16
CA GLN C 193 44.28 -14.97 0.57
C GLN C 193 45.06 -13.82 -0.10
N LYS C 194 44.76 -13.54 -1.38
CA LYS C 194 45.37 -12.44 -2.11
C LYS C 194 44.93 -11.09 -1.52
N PHE C 195 43.68 -10.98 -1.07
CA PHE C 195 43.17 -9.76 -0.44
C PHE C 195 43.97 -9.46 0.85
N LEU C 196 44.24 -10.51 1.67
CA LEU C 196 45.00 -10.37 2.91
C LEU C 196 46.44 -9.92 2.63
N ASN C 197 47.08 -10.50 1.60
CA ASN C 197 48.46 -10.14 1.25
C ASN C 197 48.56 -8.75 0.62
N ASP C 198 47.76 -8.48 -0.41
CA ASP C 198 47.80 -7.20 -1.11
C ASP C 198 47.54 -6.01 -0.19
N ASN C 199 46.66 -6.19 0.79
CA ASN C 199 46.32 -5.11 1.70
C ASN C 199 47.04 -5.15 3.04
N ASN C 200 47.99 -6.09 3.23
CA ASN C 200 48.75 -6.25 4.48
C ASN C 200 47.80 -6.36 5.68
N VAL C 201 46.77 -7.19 5.55
CA VAL C 201 45.78 -7.35 6.61
C VAL C 201 46.26 -8.28 7.73
N ASP C 202 45.94 -7.96 8.99
CA ASP C 202 46.25 -8.86 10.08
C ASP C 202 44.96 -9.51 10.56
N THR C 203 44.77 -10.80 10.23
CA THR C 203 43.57 -11.56 10.56
C THR C 203 43.34 -11.79 12.06
N ASP C 204 44.32 -11.40 12.88
CA ASP C 204 44.22 -11.58 14.32
C ASP C 204 42.98 -10.92 14.93
N ASP C 205 42.74 -11.20 16.20
CA ASP C 205 41.59 -10.65 16.92
C ASP C 205 41.76 -9.15 17.17
N SER C 206 41.53 -8.36 16.14
CA SER C 206 41.65 -6.91 16.23
C SER C 206 40.46 -6.23 15.58
N SER C 207 40.67 -5.01 15.09
CA SER C 207 39.61 -4.25 14.43
C SER C 207 39.06 -5.01 13.23
N TYR C 208 39.85 -5.97 12.73
CA TYR C 208 39.45 -6.76 11.57
C TYR C 208 38.73 -8.06 11.93
N LYS C 209 38.87 -8.51 13.17
CA LYS C 209 38.24 -9.76 13.61
C LYS C 209 36.75 -9.50 13.82
N GLN C 210 36.38 -8.22 13.71
CA GLN C 210 35.02 -7.73 13.88
C GLN C 210 34.19 -7.82 12.59
N ILE C 211 34.79 -7.52 11.43
CA ILE C 211 34.05 -7.64 10.15
C ILE C 211 34.22 -9.03 9.53
N LEU C 212 35.34 -9.72 9.84
CA LEU C 212 35.63 -11.08 9.39
C LEU C 212 34.44 -12.05 9.55
N PRO C 213 33.59 -11.98 10.63
CA PRO C 213 32.46 -12.91 10.73
C PRO C 213 31.50 -12.94 9.54
N ILE C 214 31.39 -11.86 8.76
CA ILE C 214 30.52 -11.87 7.56
C ILE C 214 31.03 -12.96 6.58
N LEU C 215 32.35 -13.03 6.39
CA LEU C 215 32.96 -14.00 5.51
C LEU C 215 33.16 -15.35 6.18
N SER C 216 33.64 -15.41 7.43
CA SER C 216 33.89 -16.70 8.06
C SER C 216 32.59 -17.46 8.34
N ASN C 217 31.52 -16.78 8.81
CA ASN C 217 30.24 -17.45 9.01
C ASN C 217 29.57 -17.74 7.66
N GLY C 218 29.65 -16.78 6.74
CA GLY C 218 29.07 -16.92 5.41
C GLY C 218 29.65 -18.06 4.59
N TYR C 219 30.97 -18.22 4.60
CA TYR C 219 31.68 -19.28 3.90
C TYR C 219 31.36 -20.63 4.56
N ASP C 220 31.39 -20.69 5.91
CA ASP C 220 31.07 -21.92 6.65
C ASP C 220 29.64 -22.37 6.34
N ASN C 221 28.69 -21.43 6.28
CA ASN C 221 27.28 -21.73 6.01
C ASN C 221 26.99 -22.18 4.58
N LEU C 222 27.80 -21.74 3.60
CA LEU C 222 27.63 -22.15 2.21
C LEU C 222 28.21 -23.55 2.04
N ILE C 223 29.43 -23.79 2.55
CA ILE C 223 30.04 -25.13 2.46
C ILE C 223 29.35 -26.16 3.38
N LYS C 224 28.27 -25.75 4.09
CA LYS C 224 27.43 -26.58 4.95
C LYS C 224 26.14 -26.90 4.17
N LYS C 225 25.57 -25.91 3.46
CA LYS C 225 24.36 -26.08 2.64
C LYS C 225 24.65 -26.80 1.31
N CYS C 226 25.89 -26.66 0.81
CA CYS C 226 26.36 -27.25 -0.44
C CYS C 226 27.49 -28.20 -0.10
N ASN C 227 27.21 -29.51 0.02
CA ASN C 227 28.24 -30.47 0.37
C ASN C 227 27.94 -31.92 -0.08
N ASN C 228 28.97 -32.76 -0.13
CA ASN C 228 28.85 -34.17 -0.50
C ASN C 228 28.96 -35.07 0.76
N GLY C 229 28.43 -34.59 1.89
CA GLY C 229 28.48 -35.31 3.15
C GLY C 229 29.88 -35.63 3.61
N GLN C 230 30.11 -36.88 4.06
CA GLN C 230 31.40 -37.37 4.54
C GLN C 230 32.52 -37.32 3.49
N HIS C 231 32.19 -37.04 2.23
CA HIS C 231 33.15 -36.99 1.13
C HIS C 231 33.22 -35.62 0.48
N SER C 232 33.28 -34.57 1.31
CA SER C 232 33.40 -33.19 0.86
C SER C 232 34.65 -32.58 1.47
N ASN C 233 35.60 -32.14 0.65
CA ASN C 233 36.86 -31.59 1.15
C ASN C 233 37.05 -30.12 0.75
N PHE C 234 36.26 -29.23 1.37
CA PHE C 234 36.37 -27.80 1.10
C PHE C 234 37.58 -27.23 1.81
N PRO C 235 38.31 -26.33 1.15
CA PRO C 235 39.49 -25.73 1.81
C PRO C 235 39.05 -24.82 2.94
N PRO C 236 39.87 -24.71 4.00
CA PRO C 236 39.51 -23.81 5.11
C PRO C 236 39.72 -22.37 4.71
N LEU C 237 38.98 -21.45 5.34
CA LEU C 237 39.15 -20.04 5.07
C LEU C 237 40.51 -19.59 5.59
N PRO C 238 41.32 -18.91 4.74
CA PRO C 238 42.65 -18.46 5.18
C PRO C 238 42.68 -17.65 6.44
N THR C 239 43.88 -17.64 7.02
CA THR C 239 44.35 -16.95 8.21
C THR C 239 45.78 -16.52 7.84
N THR C 240 46.09 -15.21 7.91
CA THR C 240 47.41 -14.73 7.53
C THR C 240 48.50 -15.14 8.55
#